data_8SDH
#
_entry.id   8SDH
#
_cell.length_a   171.052
_cell.length_b   105.586
_cell.length_c   98.993
_cell.angle_alpha   90.00
_cell.angle_beta   117.31
_cell.angle_gamma   90.00
#
_symmetry.space_group_name_H-M   'C 1 2 1'
#
loop_
_entity.id
_entity.type
_entity.pdbx_description
1 polymer 'Spike protein S1'
2 polymer 'Neutralizing antibody CC25.56 Heavy Chain'
3 polymer 'Neutralizing antibody CC25.56 Light Chain'
4 branched 2-acetamido-2-deoxy-beta-D-glucopyranose-(1-4)-2-acetamido-2-deoxy-beta-D-glucopyranose
5 non-polymer 2-acetamido-2-deoxy-beta-D-glucopyranose
6 water water
#
loop_
_entity_poly.entity_id
_entity_poly.type
_entity_poly.pdbx_seq_one_letter_code
_entity_poly.pdbx_strand_id
1 'polypeptide(L)'
;TNLCPFGEVFNATRFASVYAWNRKRISNCVADYSVLYNSASFSTFKCYGVSPTKLNDLCFTNVYADSFVIRGDEVRQIAP
GQTGKIADYNYKLPDDFTGCVIAWNSNNLDSKVGGNYNYLYRLFRKSNLKPFERDISTEIYQAGSTPCNGVEGFNCYFPL
QSYGFQPTNGVGYQPYRVVVLSFELLHAPATVCGPKKSGHHHHHH
;
A,B
2 'polypeptide(L)'
;EVQLVQSGAEVKKPGESLKISCKGSGYTFTRHWIGWVRQMPGKGLEWMGVIYPGDSDTRYSPSFQGQVTVSADKSISTAY
LQWSSLKASDTAMYFCARGGIAVASGAFDIWGQGTMVTVFNQIKPPSVFPLAPSSKSTSGGTAALGCLVKDYFPEPVTVS
WNSGALTSGVHTFPAVLQSSGLYSLSSVVTVPSSSLGTQTYICNVNHKPSNTKVDKRVEPKSC
;
H,C
3 'polypeptide(L)'
;QSALTQPPSVSVAPGKTARITCGGNNIGSKSVHWYQQKAGQAPVVVIYYPSDRPSGIPERFSGSNSENTATLTISGVEAG
DEADYYCQLWDTNSDHWVFGGGTKLTVLGQPKAAPSVTLFPPSSEELQANKATLVCLISDFYPGAVTVAWKADSSPVKAG
VETTTPSKQSNNKYAASSYLSLTPEQWKSHRSYSCQVTHEGSTVEKTVAPTECS
;
L,D
#
loop_
_chem_comp.id
_chem_comp.type
_chem_comp.name
_chem_comp.formula
NAG D-saccharide, beta linking 2-acetamido-2-deoxy-beta-D-glucopyranose 'C8 H15 N O6'
#
# COMPACT_ATOMS: atom_id res chain seq x y z
N ASN A 2 -4.45 -6.47 -38.88
CA ASN A 2 -4.51 -7.27 -37.66
C ASN A 2 -5.94 -7.66 -37.32
N LEU A 3 -6.61 -8.32 -38.27
CA LEU A 3 -8.00 -8.74 -38.08
C LEU A 3 -8.08 -9.89 -37.08
N CYS A 4 -9.13 -9.88 -36.26
CA CYS A 4 -9.30 -10.92 -35.25
C CYS A 4 -9.60 -12.26 -35.91
N PRO A 5 -8.95 -13.34 -35.50
CA PRO A 5 -9.13 -14.62 -36.22
C PRO A 5 -10.47 -15.29 -35.92
N PHE A 6 -11.55 -14.65 -36.38
CA PHE A 6 -12.88 -15.22 -36.22
C PHE A 6 -13.08 -16.44 -37.11
N GLY A 7 -12.43 -16.47 -38.27
CA GLY A 7 -12.49 -17.65 -39.12
C GLY A 7 -11.80 -18.85 -38.51
N GLU A 8 -10.93 -18.63 -37.53
CA GLU A 8 -10.30 -19.74 -36.83
C GLU A 8 -11.29 -20.50 -35.95
N VAL A 9 -12.28 -19.82 -35.40
CA VAL A 9 -13.25 -20.44 -34.50
C VAL A 9 -14.54 -20.81 -35.22
N PHE A 10 -15.10 -19.89 -36.01
CA PHE A 10 -16.37 -20.17 -36.68
C PHE A 10 -16.20 -21.22 -37.77
N ASN A 11 -15.17 -21.07 -38.60
CA ASN A 11 -14.92 -21.97 -39.72
C ASN A 11 -13.97 -23.11 -39.36
N ALA A 12 -13.85 -23.45 -38.08
CA ALA A 12 -13.01 -24.57 -37.68
C ALA A 12 -13.62 -25.89 -38.10
N THR A 13 -12.76 -26.87 -38.41
CA THR A 13 -13.25 -28.14 -38.94
C THR A 13 -14.04 -28.92 -37.90
N ARG A 14 -13.48 -29.11 -36.71
CA ARG A 14 -14.12 -29.90 -35.67
C ARG A 14 -14.28 -29.07 -34.41
N PHE A 15 -15.46 -29.18 -33.78
CA PHE A 15 -15.73 -28.56 -32.51
C PHE A 15 -15.53 -29.60 -31.39
N ALA A 16 -15.73 -29.16 -30.16
CA ALA A 16 -15.58 -30.01 -29.00
C ALA A 16 -16.94 -30.38 -28.44
N SER A 17 -16.97 -31.45 -27.65
CA SER A 17 -18.18 -31.84 -26.95
C SER A 17 -18.53 -30.78 -25.91
N VAL A 18 -19.84 -30.61 -25.68
CA VAL A 18 -20.31 -29.52 -24.82
C VAL A 18 -19.76 -29.66 -23.41
N TYR A 19 -19.56 -30.88 -22.93
CA TYR A 19 -18.99 -31.05 -21.59
C TYR A 19 -17.53 -30.58 -21.54
N ALA A 20 -16.83 -30.65 -22.67
CA ALA A 20 -15.45 -30.20 -22.76
C ALA A 20 -15.30 -29.09 -23.81
N TRP A 21 -16.18 -28.08 -23.75
CA TRP A 21 -16.22 -27.02 -24.74
C TRP A 21 -14.87 -26.32 -24.84
N ASN A 22 -14.64 -25.68 -25.99
CA ASN A 22 -13.35 -25.06 -26.28
C ASN A 22 -13.41 -23.56 -26.08
N ARG A 23 -12.36 -23.00 -25.48
CA ARG A 23 -12.27 -21.58 -25.20
C ARG A 23 -11.09 -20.97 -25.95
N LYS A 24 -11.33 -19.82 -26.59
CA LYS A 24 -10.29 -19.08 -27.30
C LYS A 24 -10.31 -17.65 -26.83
N ARG A 25 -9.14 -17.14 -26.45
CA ARG A 25 -8.99 -15.77 -25.99
C ARG A 25 -8.64 -14.86 -27.16
N ILE A 26 -9.36 -13.75 -27.29
CA ILE A 26 -9.20 -12.81 -28.38
C ILE A 26 -8.81 -11.45 -27.81
N SER A 27 -7.70 -10.92 -28.29
CA SER A 27 -7.17 -9.62 -27.89
C SER A 27 -6.19 -9.16 -28.95
N ASN A 28 -5.86 -7.86 -28.90
CA ASN A 28 -4.84 -7.26 -29.77
C ASN A 28 -5.22 -7.38 -31.25
N CYS A 29 -6.48 -7.07 -31.57
CA CYS A 29 -6.92 -7.12 -32.96
C CYS A 29 -8.17 -6.29 -33.14
N VAL A 30 -8.53 -6.04 -34.40
CA VAL A 30 -9.76 -5.37 -34.79
C VAL A 30 -10.68 -6.36 -35.50
N ALA A 31 -11.96 -6.33 -35.15
CA ALA A 31 -12.95 -7.27 -35.68
C ALA A 31 -14.19 -6.52 -36.12
N ASP A 32 -14.70 -6.83 -37.32
CA ASP A 32 -15.96 -6.26 -37.78
C ASP A 32 -17.07 -7.24 -37.42
N TYR A 33 -17.72 -6.99 -36.28
CA TYR A 33 -18.78 -7.88 -35.81
C TYR A 33 -20.02 -7.77 -36.69
N SER A 34 -20.24 -6.60 -37.31
CA SER A 34 -21.40 -6.45 -38.19
C SER A 34 -21.32 -7.42 -39.35
N VAL A 35 -20.11 -7.71 -39.83
CA VAL A 35 -19.92 -8.69 -40.89
C VAL A 35 -20.41 -10.07 -40.46
N LEU A 36 -20.32 -10.39 -39.16
CA LEU A 36 -20.79 -11.69 -38.70
C LEU A 36 -22.30 -11.83 -38.85
N TYR A 37 -23.07 -10.82 -38.41
CA TYR A 37 -24.51 -10.90 -38.59
C TYR A 37 -24.88 -10.75 -40.06
N ASN A 38 -24.11 -9.97 -40.83
CA ASN A 38 -24.50 -9.71 -42.21
C ASN A 38 -24.59 -11.01 -43.00
N SER A 39 -23.69 -11.96 -42.74
CA SER A 39 -23.90 -13.30 -43.23
C SER A 39 -25.09 -13.90 -42.49
N ALA A 40 -26.09 -14.39 -43.23
CA ALA A 40 -27.34 -14.85 -42.64
C ALA A 40 -27.40 -16.37 -42.49
N SER A 41 -26.24 -17.04 -42.42
CA SER A 41 -26.20 -18.48 -42.29
C SER A 41 -26.49 -18.97 -40.88
N PHE A 42 -26.58 -18.09 -39.89
CA PHE A 42 -26.76 -18.48 -38.50
C PHE A 42 -28.23 -18.42 -38.12
N SER A 43 -28.70 -19.48 -37.44
CA SER A 43 -30.10 -19.54 -37.03
C SER A 43 -30.39 -18.74 -35.77
N THR A 44 -29.44 -18.68 -34.83
CA THR A 44 -29.63 -17.94 -33.59
C THR A 44 -28.50 -16.94 -33.43
N PHE A 45 -28.86 -15.68 -33.15
CA PHE A 45 -27.90 -14.61 -32.92
C PHE A 45 -28.54 -13.64 -31.93
N LYS A 46 -28.28 -13.88 -30.64
CA LYS A 46 -28.93 -13.11 -29.58
C LYS A 46 -27.88 -12.51 -28.64
N CYS A 47 -28.05 -11.25 -28.28
CA CYS A 47 -27.07 -10.53 -27.48
C CYS A 47 -27.69 -10.00 -26.20
N TYR A 48 -26.89 -10.03 -25.13
CA TYR A 48 -27.29 -9.56 -23.81
C TYR A 48 -26.32 -8.48 -23.37
N GLY A 49 -26.87 -7.33 -22.96
CA GLY A 49 -26.08 -6.21 -22.53
C GLY A 49 -25.57 -5.32 -23.64
N VAL A 50 -25.70 -5.75 -24.91
CA VAL A 50 -25.21 -4.98 -26.04
C VAL A 50 -26.14 -5.26 -27.23
N SER A 51 -26.23 -4.27 -28.14
CA SER A 51 -26.94 -4.41 -29.41
C SER A 51 -25.96 -4.74 -30.52
N PRO A 52 -26.38 -5.53 -31.51
CA PRO A 52 -25.41 -5.99 -32.53
C PRO A 52 -24.71 -4.86 -33.26
N THR A 53 -25.43 -3.79 -33.61
CA THR A 53 -24.80 -2.67 -34.30
C THR A 53 -23.80 -1.94 -33.40
N LYS A 54 -24.02 -1.96 -32.08
CA LYS A 54 -23.14 -1.24 -31.18
C LYS A 54 -21.78 -1.92 -31.00
N LEU A 55 -21.64 -3.18 -31.42
CA LEU A 55 -20.37 -3.88 -31.23
C LEU A 55 -19.23 -3.17 -31.97
N ASN A 56 -19.48 -2.80 -33.23
CA ASN A 56 -18.47 -2.10 -34.01
C ASN A 56 -18.14 -0.73 -33.44
N ASP A 57 -19.00 -0.17 -32.59
CA ASP A 57 -18.78 1.15 -32.00
C ASP A 57 -18.32 1.07 -30.54
N LEU A 58 -17.77 -0.06 -30.10
CA LEU A 58 -17.40 -0.25 -28.70
C LEU A 58 -16.10 -1.03 -28.62
N CYS A 59 -15.41 -0.88 -27.49
CA CYS A 59 -14.15 -1.57 -27.23
C CYS A 59 -14.23 -2.31 -25.90
N PHE A 60 -13.46 -3.39 -25.79
CA PHE A 60 -13.49 -4.24 -24.60
C PHE A 60 -12.07 -4.67 -24.25
N THR A 61 -11.87 -4.94 -22.95
CA THR A 61 -10.57 -5.44 -22.50
C THR A 61 -10.25 -6.79 -23.11
N ASN A 62 -11.21 -7.72 -23.12
CA ASN A 62 -10.95 -9.05 -23.63
C ASN A 62 -12.19 -9.57 -24.34
N VAL A 63 -11.98 -10.55 -25.23
CA VAL A 63 -13.07 -11.28 -25.85
C VAL A 63 -12.82 -12.76 -25.67
N TYR A 64 -13.88 -13.51 -25.39
CA TYR A 64 -13.76 -14.95 -25.20
C TYR A 64 -14.73 -15.65 -26.13
N ALA A 65 -14.23 -16.59 -26.93
CA ALA A 65 -15.06 -17.35 -27.86
C ALA A 65 -15.10 -18.79 -27.38
N ASP A 66 -16.27 -19.23 -26.96
CA ASP A 66 -16.49 -20.61 -26.53
C ASP A 66 -17.27 -21.35 -27.61
N SER A 67 -16.76 -22.51 -28.01
CA SER A 67 -17.35 -23.28 -29.10
C SER A 67 -17.69 -24.69 -28.63
N PHE A 68 -18.87 -25.16 -29.06
CA PHE A 68 -19.31 -26.54 -28.79
C PHE A 68 -20.43 -26.89 -29.75
N VAL A 69 -20.96 -28.11 -29.60
CA VAL A 69 -22.06 -28.63 -30.42
C VAL A 69 -23.13 -29.23 -29.51
N ILE A 70 -24.38 -28.84 -29.73
CA ILE A 70 -25.50 -29.36 -28.93
C ILE A 70 -26.68 -29.71 -29.83
N ARG A 71 -27.81 -30.07 -29.23
CA ARG A 71 -29.04 -30.30 -29.99
C ARG A 71 -29.75 -28.98 -30.27
N GLY A 72 -30.67 -29.03 -31.23
CA GLY A 72 -31.41 -27.82 -31.59
C GLY A 72 -32.27 -27.30 -30.45
N ASP A 73 -33.12 -28.17 -29.90
CA ASP A 73 -34.01 -27.75 -28.81
C ASP A 73 -33.24 -27.44 -27.53
N GLU A 74 -31.94 -27.74 -27.49
CA GLU A 74 -31.10 -27.38 -26.36
C GLU A 74 -30.41 -26.02 -26.54
N VAL A 75 -30.50 -25.42 -27.73
CA VAL A 75 -29.89 -24.11 -27.94
C VAL A 75 -30.53 -23.07 -27.04
N ARG A 76 -31.82 -23.21 -26.74
CA ARG A 76 -32.48 -22.29 -25.83
C ARG A 76 -31.89 -22.33 -24.44
N GLN A 77 -31.16 -23.39 -24.09
CA GLN A 77 -30.53 -23.49 -22.78
C GLN A 77 -29.29 -22.59 -22.65
N ILE A 78 -28.72 -22.15 -23.77
CA ILE A 78 -27.52 -21.31 -23.72
C ILE A 78 -28.02 -19.88 -23.60
N ALA A 79 -28.33 -19.50 -22.36
CA ALA A 79 -28.89 -18.20 -22.03
C ALA A 79 -28.84 -18.01 -20.52
N PRO A 80 -28.75 -16.78 -20.03
CA PRO A 80 -28.69 -16.57 -18.58
C PRO A 80 -29.93 -17.08 -17.86
N GLY A 81 -29.71 -17.67 -16.70
CA GLY A 81 -30.80 -18.11 -15.85
C GLY A 81 -31.53 -19.34 -16.32
N GLN A 82 -31.04 -20.03 -17.33
CA GLN A 82 -31.73 -21.21 -17.85
C GLN A 82 -31.36 -22.45 -17.04
N THR A 83 -32.18 -23.49 -17.19
CA THR A 83 -31.97 -24.78 -16.54
C THR A 83 -32.00 -25.87 -17.59
N GLY A 84 -31.77 -27.10 -17.15
CA GLY A 84 -31.54 -28.22 -18.03
C GLY A 84 -30.15 -28.81 -17.86
N LYS A 85 -29.97 -29.97 -18.46
CA LYS A 85 -28.73 -30.70 -18.25
C LYS A 85 -27.54 -30.01 -18.89
N ILE A 86 -27.74 -29.30 -20.00
CA ILE A 86 -26.64 -28.55 -20.61
C ILE A 86 -26.27 -27.34 -19.78
N ALA A 87 -27.28 -26.54 -19.40
CA ALA A 87 -27.00 -25.30 -18.66
C ALA A 87 -26.52 -25.57 -17.25
N ASP A 88 -26.94 -26.67 -16.64
CA ASP A 88 -26.58 -26.98 -15.27
C ASP A 88 -25.37 -27.89 -15.15
N TYR A 89 -25.10 -28.74 -16.14
CA TYR A 89 -24.05 -29.75 -16.03
C TYR A 89 -22.92 -29.58 -17.04
N ASN A 90 -23.11 -28.81 -18.10
CA ASN A 90 -22.11 -28.74 -19.18
C ASN A 90 -21.58 -27.34 -19.42
N TYR A 91 -22.47 -26.34 -19.52
CA TYR A 91 -22.05 -24.99 -19.89
C TYR A 91 -23.07 -24.00 -19.34
N LYS A 92 -22.66 -23.18 -18.39
CA LYS A 92 -23.55 -22.25 -17.72
C LYS A 92 -23.14 -20.81 -18.05
N LEU A 93 -24.13 -19.95 -18.28
CA LEU A 93 -23.87 -18.53 -18.49
C LEU A 93 -24.30 -17.74 -17.27
N PRO A 94 -23.52 -16.72 -16.88
CA PRO A 94 -23.86 -15.98 -15.66
C PRO A 94 -25.11 -15.12 -15.84
N ASP A 95 -25.73 -14.81 -14.71
CA ASP A 95 -26.96 -14.01 -14.72
C ASP A 95 -26.74 -12.61 -15.26
N ASP A 96 -25.52 -12.08 -15.16
CA ASP A 96 -25.21 -10.75 -15.67
C ASP A 96 -24.38 -10.81 -16.95
N PHE A 97 -24.59 -11.85 -17.76
CA PHE A 97 -23.75 -12.08 -18.92
C PHE A 97 -23.85 -10.93 -19.91
N THR A 98 -22.70 -10.48 -20.40
CA THR A 98 -22.61 -9.44 -21.41
C THR A 98 -21.88 -10.03 -22.61
N GLY A 99 -22.61 -10.21 -23.70
CA GLY A 99 -22.03 -10.85 -24.87
C GLY A 99 -23.12 -11.28 -25.83
N CYS A 100 -22.79 -12.28 -26.64
CA CYS A 100 -23.72 -12.78 -27.65
C CYS A 100 -23.60 -14.29 -27.78
N VAL A 101 -24.68 -14.91 -28.24
CA VAL A 101 -24.77 -16.34 -28.50
C VAL A 101 -25.14 -16.51 -29.96
N ILE A 102 -24.34 -17.32 -30.68
CA ILE A 102 -24.57 -17.62 -32.08
C ILE A 102 -24.67 -19.13 -32.23
N ALA A 103 -25.65 -19.59 -32.99
CA ALA A 103 -25.89 -21.00 -33.21
C ALA A 103 -26.33 -21.21 -34.65
N TRP A 104 -25.78 -22.25 -35.29
CA TRP A 104 -26.15 -22.57 -36.66
C TRP A 104 -26.22 -24.07 -36.86
N ASN A 105 -27.11 -24.48 -37.77
CA ASN A 105 -27.28 -25.89 -38.11
C ASN A 105 -26.01 -26.43 -38.75
N SER A 106 -25.57 -27.61 -38.30
CA SER A 106 -24.38 -28.28 -38.83
C SER A 106 -24.67 -29.74 -39.12
N ASN A 107 -25.83 -30.01 -39.73
CA ASN A 107 -26.24 -31.40 -39.98
C ASN A 107 -25.33 -32.09 -40.99
N ASN A 108 -24.96 -31.41 -42.07
CA ASN A 108 -24.23 -32.05 -43.15
C ASN A 108 -22.82 -32.48 -42.76
N LEU A 109 -22.25 -31.92 -41.70
CA LEU A 109 -20.90 -32.24 -41.27
C LEU A 109 -20.84 -33.12 -40.04
N ASP A 110 -21.66 -32.83 -39.02
CA ASP A 110 -21.55 -33.49 -37.73
C ASP A 110 -22.39 -34.76 -37.63
N SER A 111 -23.25 -35.04 -38.60
CA SER A 111 -24.09 -36.22 -38.59
C SER A 111 -23.52 -37.27 -39.54
N LYS A 112 -23.54 -38.53 -39.11
CA LYS A 112 -23.04 -39.64 -39.91
C LYS A 112 -24.05 -40.77 -39.90
N VAL A 113 -24.06 -41.55 -40.98
CA VAL A 113 -24.93 -42.70 -41.07
C VAL A 113 -24.44 -43.76 -40.08
N GLY A 114 -25.35 -44.27 -39.26
CA GLY A 114 -24.99 -45.13 -38.15
C GLY A 114 -24.87 -44.40 -36.84
N GLY A 115 -24.88 -43.07 -36.86
CA GLY A 115 -24.77 -42.28 -35.64
C GLY A 115 -23.38 -41.77 -35.39
N ASN A 116 -23.24 -40.46 -35.15
CA ASN A 116 -21.95 -39.87 -34.79
C ASN A 116 -21.81 -39.90 -33.28
N TYR A 117 -20.94 -40.80 -32.79
CA TYR A 117 -20.81 -41.05 -31.37
C TYR A 117 -19.62 -40.33 -30.74
N ASN A 118 -19.06 -39.34 -31.44
CA ASN A 118 -17.92 -38.58 -30.93
C ASN A 118 -18.33 -37.40 -30.05
N TYR A 119 -19.56 -36.91 -30.19
CA TYR A 119 -20.04 -35.75 -29.43
C TYR A 119 -20.78 -36.25 -28.19
N LEU A 120 -20.31 -35.83 -27.02
CA LEU A 120 -20.83 -36.30 -25.74
C LEU A 120 -21.42 -35.14 -24.94
N TYR A 121 -22.05 -35.48 -23.83
CA TYR A 121 -22.50 -34.48 -22.87
C TYR A 121 -22.65 -35.13 -21.50
N ARG A 122 -22.65 -34.29 -20.48
CA ARG A 122 -22.80 -34.77 -19.11
C ARG A 122 -24.27 -34.94 -18.77
N LEU A 123 -24.65 -36.14 -18.33
CA LEU A 123 -26.02 -36.43 -17.92
C LEU A 123 -26.21 -36.32 -16.41
N PHE A 124 -25.22 -36.75 -15.62
CA PHE A 124 -25.35 -36.78 -14.16
C PHE A 124 -24.24 -35.94 -13.54
N ARG A 125 -24.59 -35.28 -12.43
CA ARG A 125 -23.66 -34.49 -11.64
C ARG A 125 -24.29 -34.20 -10.30
N LYS A 126 -23.46 -34.19 -9.24
CA LYS A 126 -24.00 -34.01 -7.89
C LYS A 126 -24.44 -32.57 -7.64
N SER A 127 -23.86 -31.61 -8.34
CA SER A 127 -24.17 -30.20 -8.10
C SER A 127 -24.09 -29.45 -9.42
N ASN A 128 -24.71 -28.27 -9.44
CA ASN A 128 -24.72 -27.45 -10.64
C ASN A 128 -23.36 -26.78 -10.86
N LEU A 129 -23.03 -26.56 -12.12
CA LEU A 129 -21.81 -25.85 -12.46
C LEU A 129 -21.97 -24.37 -12.15
N LYS A 130 -20.90 -23.77 -11.64
CA LYS A 130 -20.85 -22.31 -11.56
C LYS A 130 -20.54 -21.74 -12.95
N PRO A 131 -20.86 -20.46 -13.18
CA PRO A 131 -20.73 -19.91 -14.54
C PRO A 131 -19.33 -20.08 -15.11
N PHE A 132 -19.29 -20.46 -16.39
CA PHE A 132 -18.07 -20.64 -17.18
C PHE A 132 -17.18 -21.76 -16.69
N GLU A 133 -17.65 -22.60 -15.77
CA GLU A 133 -16.89 -23.77 -15.36
C GLU A 133 -17.03 -24.88 -16.39
N ARG A 134 -16.10 -25.84 -16.33
CA ARG A 134 -16.07 -26.95 -17.26
C ARG A 134 -15.63 -28.20 -16.51
N ASP A 135 -16.46 -29.24 -16.53
CA ASP A 135 -16.19 -30.50 -15.86
C ASP A 135 -15.91 -31.56 -16.90
N ILE A 136 -14.70 -32.11 -16.90
CA ILE A 136 -14.34 -33.17 -17.84
C ILE A 136 -13.94 -34.45 -17.11
N SER A 137 -14.31 -34.57 -15.83
CA SER A 137 -14.04 -35.80 -15.11
C SER A 137 -14.96 -36.92 -15.58
N THR A 138 -14.47 -38.15 -15.48
CA THR A 138 -15.23 -39.33 -15.87
C THR A 138 -15.41 -40.29 -14.70
N GLU A 139 -15.65 -39.74 -13.51
CA GLU A 139 -15.85 -40.56 -12.34
C GLU A 139 -17.26 -41.13 -12.35
N ILE A 140 -17.38 -42.40 -11.94
CA ILE A 140 -18.68 -43.05 -11.96
C ILE A 140 -19.62 -42.30 -11.02
N TYR A 141 -20.81 -41.98 -11.52
CA TYR A 141 -21.78 -41.22 -10.74
C TYR A 141 -22.45 -42.13 -9.72
N GLN A 142 -22.56 -41.65 -8.48
CA GLN A 142 -23.17 -42.40 -7.40
C GLN A 142 -24.59 -41.87 -7.23
N ALA A 143 -25.56 -42.58 -7.81
CA ALA A 143 -26.95 -42.17 -7.73
C ALA A 143 -27.65 -42.63 -6.46
N GLY A 144 -27.02 -43.52 -5.69
CA GLY A 144 -27.66 -44.02 -4.49
C GLY A 144 -26.76 -43.97 -3.27
N SER A 145 -27.15 -44.68 -2.20
CA SER A 145 -26.32 -44.73 -1.01
C SER A 145 -25.09 -45.59 -1.21
N THR A 146 -25.17 -46.58 -2.09
CA THR A 146 -24.07 -47.53 -2.26
C THR A 146 -22.90 -46.87 -2.98
N PRO A 147 -21.70 -46.85 -2.41
CA PRO A 147 -20.55 -46.30 -3.13
C PRO A 147 -20.20 -47.15 -4.34
N CYS A 148 -19.91 -46.48 -5.45
CA CYS A 148 -19.59 -47.19 -6.69
C CYS A 148 -18.18 -47.78 -6.65
N ASN A 149 -17.18 -46.95 -6.31
CA ASN A 149 -15.78 -47.34 -6.30
C ASN A 149 -15.32 -47.79 -7.69
N GLY A 150 -15.59 -46.93 -8.68
CA GLY A 150 -15.19 -47.15 -10.05
C GLY A 150 -15.94 -48.22 -10.79
N VAL A 151 -16.91 -48.88 -10.15
CA VAL A 151 -17.66 -49.97 -10.77
C VAL A 151 -19.00 -49.42 -11.26
N GLU A 152 -19.22 -49.49 -12.58
CA GLU A 152 -20.46 -49.06 -13.19
C GLU A 152 -21.51 -50.17 -13.07
N GLY A 153 -22.73 -49.79 -12.67
CA GLY A 153 -23.77 -50.78 -12.46
C GLY A 153 -25.03 -50.24 -11.80
N PHE A 154 -25.50 -50.92 -10.76
CA PHE A 154 -26.74 -50.53 -10.09
C PHE A 154 -26.60 -49.17 -9.42
N ASN A 155 -27.43 -48.22 -9.85
CA ASN A 155 -27.39 -46.84 -9.32
C ASN A 155 -26.00 -46.24 -9.46
N CYS A 156 -25.27 -46.66 -10.50
CA CYS A 156 -23.89 -46.24 -10.73
C CYS A 156 -23.72 -46.13 -12.24
N TYR A 157 -23.81 -44.91 -12.76
CA TYR A 157 -23.81 -44.69 -14.20
C TYR A 157 -22.57 -43.94 -14.64
N PHE A 158 -22.15 -44.20 -15.87
CA PHE A 158 -21.11 -43.40 -16.48
C PHE A 158 -21.62 -41.97 -16.64
N PRO A 159 -20.82 -40.96 -16.30
CA PRO A 159 -21.36 -39.59 -16.26
C PRO A 159 -21.68 -39.00 -17.62
N LEU A 160 -21.15 -39.55 -18.71
CA LEU A 160 -21.32 -38.98 -20.03
C LEU A 160 -22.21 -39.85 -20.91
N GLN A 161 -22.98 -39.20 -21.77
CA GLN A 161 -23.87 -39.84 -22.71
C GLN A 161 -23.62 -39.26 -24.10
N SER A 162 -23.65 -40.11 -25.11
CA SER A 162 -23.38 -39.69 -26.49
C SER A 162 -24.64 -39.15 -27.14
N TYR A 163 -24.48 -38.11 -27.97
CA TYR A 163 -25.62 -37.52 -28.67
C TYR A 163 -26.14 -38.44 -29.75
N GLY A 164 -25.25 -38.98 -30.58
CA GLY A 164 -25.65 -39.85 -31.68
C GLY A 164 -26.44 -39.16 -32.77
N PHE A 165 -25.83 -38.19 -33.45
CA PHE A 165 -26.50 -37.45 -34.50
C PHE A 165 -26.55 -38.29 -35.77
N GLN A 166 -27.67 -38.82 -36.53
CA GLN A 166 -28.15 -39.40 -37.79
C GLN A 166 -28.71 -38.32 -38.70
N PRO A 167 -28.18 -38.24 -39.92
CA PRO A 167 -28.62 -37.23 -40.89
C PRO A 167 -30.12 -37.15 -41.07
N THR A 168 -30.85 -38.23 -40.77
CA THR A 168 -32.28 -38.30 -40.96
C THR A 168 -33.06 -37.74 -39.77
N ASN A 169 -32.37 -37.21 -38.77
CA ASN A 169 -33.01 -36.74 -37.55
C ASN A 169 -33.90 -35.52 -37.79
N GLY A 170 -34.77 -35.25 -36.82
CA GLY A 170 -35.64 -34.09 -36.85
C GLY A 170 -34.94 -32.81 -36.47
N VAL A 171 -35.67 -31.70 -36.62
CA VAL A 171 -35.10 -30.37 -36.37
C VAL A 171 -34.73 -30.20 -34.89
N GLY A 172 -35.45 -30.85 -33.99
CA GLY A 172 -35.10 -30.74 -32.58
C GLY A 172 -33.78 -31.40 -32.23
N TYR A 173 -33.52 -32.57 -32.81
CA TYR A 173 -32.34 -33.37 -32.50
C TYR A 173 -31.26 -33.24 -33.57
N GLN A 174 -31.15 -32.07 -34.20
CA GLN A 174 -30.09 -31.77 -35.14
C GLN A 174 -28.83 -31.37 -34.38
N PRO A 175 -27.65 -31.59 -34.96
CA PRO A 175 -26.45 -31.01 -34.36
C PRO A 175 -26.35 -29.54 -34.74
N TYR A 176 -26.30 -28.68 -33.73
CA TYR A 176 -26.11 -27.25 -33.92
C TYR A 176 -24.76 -26.87 -33.34
N ARG A 177 -23.97 -26.15 -34.12
CA ARG A 177 -22.70 -25.61 -33.65
C ARG A 177 -22.96 -24.25 -33.03
N VAL A 178 -22.45 -24.05 -31.81
CA VAL A 178 -22.73 -22.86 -31.02
C VAL A 178 -21.42 -22.23 -30.59
N VAL A 179 -21.34 -20.91 -30.73
CA VAL A 179 -20.25 -20.11 -30.19
C VAL A 179 -20.86 -19.03 -29.29
N VAL A 180 -20.15 -18.73 -28.21
CA VAL A 180 -20.55 -17.71 -27.26
C VAL A 180 -19.41 -16.71 -27.16
N LEU A 181 -19.72 -15.45 -27.42
CA LEU A 181 -18.76 -14.36 -27.34
C LEU A 181 -18.99 -13.60 -26.05
N SER A 182 -18.00 -13.63 -25.17
CA SER A 182 -18.02 -12.90 -23.91
C SER A 182 -17.15 -11.67 -24.05
N PHE A 183 -17.67 -10.53 -23.59
CA PHE A 183 -16.96 -9.27 -23.68
C PHE A 183 -16.59 -8.80 -22.28
N GLU A 184 -15.33 -8.46 -22.08
CA GLU A 184 -14.79 -8.18 -20.76
C GLU A 184 -14.24 -6.76 -20.71
N LEU A 185 -14.74 -5.98 -19.75
CA LEU A 185 -14.17 -4.69 -19.38
C LEU A 185 -13.55 -4.85 -18.00
N LEU A 186 -12.26 -4.52 -17.86
CA LEU A 186 -11.50 -4.95 -16.70
C LEU A 186 -10.64 -3.86 -16.06
N HIS A 187 -10.93 -2.59 -16.30
CA HIS A 187 -10.06 -1.50 -15.82
C HIS A 187 -8.64 -1.64 -16.37
N ALA A 188 -8.54 -2.11 -17.61
CA ALA A 188 -7.27 -2.34 -18.29
C ALA A 188 -7.38 -1.74 -19.67
N PRO A 189 -6.28 -1.70 -20.43
CA PRO A 189 -6.35 -1.21 -21.82
C PRO A 189 -7.33 -2.02 -22.64
N ALA A 190 -7.95 -1.36 -23.61
CA ALA A 190 -8.88 -2.04 -24.52
C ALA A 190 -8.07 -2.59 -25.68
N THR A 191 -8.19 -3.89 -25.92
CA THR A 191 -7.39 -4.58 -26.92
C THR A 191 -8.20 -5.05 -28.13
N VAL A 192 -9.51 -5.21 -27.97
CA VAL A 192 -10.38 -5.62 -29.07
C VAL A 192 -11.33 -4.47 -29.35
N CYS A 193 -11.34 -4.01 -30.60
CA CYS A 193 -12.13 -2.86 -31.00
C CYS A 193 -12.70 -3.09 -32.37
N GLY A 194 -13.88 -2.51 -32.61
CA GLY A 194 -14.43 -2.45 -33.94
C GLY A 194 -13.82 -1.33 -34.74
N PRO A 195 -14.20 -1.25 -36.01
CA PRO A 195 -13.69 -0.17 -36.87
C PRO A 195 -14.27 1.18 -36.52
N LYS A 196 -13.85 1.74 -35.38
CA LYS A 196 -14.35 3.03 -34.92
C LYS A 196 -13.22 4.07 -34.88
N ASN B 2 27.50 20.82 -29.92
CA ASN B 2 26.51 20.90 -28.84
C ASN B 2 25.38 19.91 -29.07
N LEU B 3 25.73 18.63 -29.20
CA LEU B 3 24.73 17.59 -29.45
C LEU B 3 23.90 17.35 -28.19
N CYS B 4 22.62 17.09 -28.39
CA CYS B 4 21.71 16.84 -27.26
C CYS B 4 22.10 15.53 -26.58
N PRO B 5 22.20 15.51 -25.26
CA PRO B 5 22.65 14.30 -24.53
C PRO B 5 21.55 13.24 -24.42
N PHE B 6 21.18 12.66 -25.56
CA PHE B 6 20.19 11.58 -25.55
C PHE B 6 20.76 10.32 -24.92
N GLY B 7 22.07 10.10 -25.04
CA GLY B 7 22.71 8.95 -24.41
C GLY B 7 22.69 9.00 -22.90
N GLU B 8 22.45 10.18 -22.31
CA GLU B 8 22.34 10.27 -20.87
C GLU B 8 21.08 9.58 -20.35
N VAL B 9 20.01 9.56 -21.15
CA VAL B 9 18.73 9.00 -20.74
C VAL B 9 18.55 7.58 -21.25
N PHE B 10 18.78 7.35 -22.55
CA PHE B 10 18.54 6.03 -23.13
C PHE B 10 19.55 5.00 -22.62
N ASN B 11 20.83 5.36 -22.63
CA ASN B 11 21.90 4.46 -22.24
C ASN B 11 22.24 4.56 -20.75
N ALA B 12 21.30 5.03 -19.93
CA ALA B 12 21.54 5.13 -18.51
C ALA B 12 21.59 3.75 -17.87
N THR B 13 22.40 3.63 -16.82
CA THR B 13 22.61 2.35 -16.16
C THR B 13 21.34 1.86 -15.46
N ARG B 14 20.74 2.73 -14.64
CA ARG B 14 19.56 2.37 -13.86
C ARG B 14 18.39 3.28 -14.22
N PHE B 15 17.23 2.67 -14.39
CA PHE B 15 15.99 3.41 -14.59
C PHE B 15 15.23 3.49 -13.27
N ALA B 16 14.11 4.20 -13.28
CA ALA B 16 13.30 4.39 -12.10
C ALA B 16 12.04 3.55 -12.16
N SER B 17 11.45 3.31 -10.99
CA SER B 17 10.15 2.67 -10.91
C SER B 17 9.09 3.59 -11.50
N VAL B 18 8.08 2.98 -12.14
CA VAL B 18 7.09 3.76 -12.86
C VAL B 18 6.34 4.70 -11.93
N TYR B 19 6.12 4.31 -10.68
CA TYR B 19 5.43 5.18 -9.74
C TYR B 19 6.25 6.42 -9.41
N ALA B 20 7.58 6.31 -9.48
CA ALA B 20 8.47 7.43 -9.22
C ALA B 20 9.31 7.73 -10.45
N TRP B 21 8.65 7.82 -11.61
CA TRP B 21 9.35 7.97 -12.88
C TRP B 21 10.27 9.18 -12.87
N ASN B 22 11.27 9.14 -13.75
CA ASN B 22 12.32 10.15 -13.78
C ASN B 22 12.04 11.14 -14.91
N ARG B 23 12.26 12.42 -14.62
CA ARG B 23 12.04 13.51 -15.57
C ARG B 23 13.36 14.20 -15.86
N LYS B 24 13.65 14.42 -17.15
CA LYS B 24 14.85 15.13 -17.57
C LYS B 24 14.47 16.21 -18.57
N ARG B 25 14.89 17.43 -18.31
CA ARG B 25 14.65 18.54 -19.23
C ARG B 25 15.86 18.68 -20.14
N ILE B 26 15.61 18.76 -21.46
CA ILE B 26 16.67 18.86 -22.44
C ILE B 26 16.47 20.17 -23.21
N SER B 27 17.52 20.98 -23.26
CA SER B 27 17.47 22.28 -23.93
C SER B 27 18.88 22.72 -24.25
N ASN B 28 18.98 23.76 -25.09
CA ASN B 28 20.25 24.39 -25.45
C ASN B 28 21.18 23.40 -26.16
N CYS B 29 20.62 22.68 -27.15
CA CYS B 29 21.39 21.71 -27.89
C CYS B 29 20.69 21.43 -29.22
N VAL B 30 21.39 20.69 -30.07
CA VAL B 30 20.87 20.20 -31.34
C VAL B 30 20.59 18.72 -31.16
N ALA B 31 19.50 18.24 -31.74
CA ALA B 31 19.02 16.89 -31.45
C ALA B 31 18.99 16.07 -32.73
N ASP B 32 19.61 14.88 -32.65
CA ASP B 32 19.63 13.90 -33.73
C ASP B 32 18.48 12.94 -33.48
N TYR B 33 17.31 13.26 -34.02
CA TYR B 33 16.16 12.39 -33.82
C TYR B 33 16.23 11.14 -34.69
N SER B 34 16.80 11.26 -35.89
CA SER B 34 16.77 10.16 -36.85
C SER B 34 17.53 8.95 -36.32
N VAL B 35 18.66 9.16 -35.62
CA VAL B 35 19.42 8.02 -35.11
C VAL B 35 18.55 7.20 -34.15
N LEU B 36 17.67 7.87 -33.39
CA LEU B 36 16.74 7.13 -32.55
C LEU B 36 15.73 6.39 -33.42
N TYR B 37 15.18 7.08 -34.42
CA TYR B 37 14.19 6.48 -35.31
C TYR B 37 14.82 5.44 -36.23
N ASN B 38 16.04 5.70 -36.72
CA ASN B 38 16.69 4.78 -37.64
C ASN B 38 17.15 3.51 -36.95
N SER B 39 17.62 3.62 -35.71
CA SER B 39 18.01 2.43 -34.94
C SER B 39 16.81 1.54 -34.68
N ALA B 40 16.96 0.25 -35.01
CA ALA B 40 15.88 -0.73 -34.91
C ALA B 40 15.95 -1.53 -33.62
N SER B 41 16.62 -0.99 -32.60
CA SER B 41 16.70 -1.66 -31.30
C SER B 41 15.45 -1.47 -30.47
N PHE B 42 14.52 -0.62 -30.91
CA PHE B 42 13.32 -0.29 -30.15
C PHE B 42 12.14 -1.12 -30.65
N SER B 43 11.40 -1.70 -29.71
CA SER B 43 10.21 -2.48 -30.07
C SER B 43 9.00 -1.59 -30.31
N THR B 44 8.88 -0.49 -29.58
CA THR B 44 7.78 0.45 -29.75
C THR B 44 8.32 1.84 -30.00
N PHE B 45 7.84 2.49 -31.06
CA PHE B 45 8.25 3.85 -31.42
C PHE B 45 7.06 4.53 -32.10
N LYS B 46 6.24 5.21 -31.30
CA LYS B 46 5.01 5.80 -31.82
C LYS B 46 4.92 7.27 -31.44
N CYS B 47 4.52 8.10 -32.40
CA CYS B 47 4.48 9.55 -32.19
C CYS B 47 3.07 10.07 -32.42
N TYR B 48 2.69 11.06 -31.61
CA TYR B 48 1.38 11.70 -31.67
C TYR B 48 1.55 13.19 -31.94
N GLY B 49 0.83 13.69 -32.94
CA GLY B 49 0.86 15.09 -33.32
C GLY B 49 1.97 15.50 -34.25
N VAL B 50 2.96 14.62 -34.49
CA VAL B 50 4.11 14.95 -35.35
C VAL B 50 4.51 13.70 -36.11
N SER B 51 5.15 13.91 -37.26
CA SER B 51 5.70 12.73 -37.92
C SER B 51 7.20 12.60 -37.61
N PRO B 52 7.68 11.37 -37.42
CA PRO B 52 9.09 11.19 -36.98
C PRO B 52 10.13 11.69 -37.96
N THR B 53 9.96 11.42 -39.26
CA THR B 53 10.96 11.88 -40.23
C THR B 53 10.98 13.40 -40.31
N LYS B 54 9.83 14.03 -40.07
CA LYS B 54 9.70 15.48 -40.05
C LYS B 54 10.22 16.11 -38.76
N LEU B 55 10.52 15.28 -37.74
CA LEU B 55 10.91 15.80 -36.43
C LEU B 55 12.15 16.68 -36.51
N ASN B 56 13.19 16.22 -37.21
CA ASN B 56 14.41 17.01 -37.33
C ASN B 56 14.18 18.33 -38.06
N ASP B 57 13.04 18.48 -38.74
CA ASP B 57 12.70 19.69 -39.48
C ASP B 57 11.77 20.61 -38.67
N LEU B 58 11.80 20.50 -37.34
CA LEU B 58 10.93 21.27 -36.47
C LEU B 58 11.72 21.67 -35.22
N CYS B 59 11.28 22.76 -34.60
CA CYS B 59 11.89 23.27 -33.38
C CYS B 59 10.82 23.45 -32.31
N PHE B 60 11.23 23.35 -31.06
CA PHE B 60 10.32 23.44 -29.93
C PHE B 60 10.97 24.25 -28.82
N THR B 61 10.14 24.86 -27.97
CA THR B 61 10.68 25.64 -26.85
C THR B 61 11.48 24.73 -25.91
N ASN B 62 10.90 23.60 -25.51
CA ASN B 62 11.59 22.70 -24.59
C ASN B 62 11.23 21.26 -24.95
N VAL B 63 12.04 20.31 -24.51
CA VAL B 63 11.70 18.90 -24.61
C VAL B 63 11.94 18.22 -23.26
N TYR B 64 11.06 17.30 -22.91
CA TYR B 64 11.12 16.57 -21.66
C TYR B 64 11.15 15.08 -21.92
N ALA B 65 12.12 14.40 -21.32
CA ALA B 65 12.29 12.95 -21.46
C ALA B 65 11.96 12.29 -20.12
N ASP B 66 10.93 11.47 -20.12
CA ASP B 66 10.50 10.73 -18.94
C ASP B 66 10.92 9.27 -19.10
N SER B 67 11.58 8.74 -18.07
CA SER B 67 12.12 7.39 -18.12
C SER B 67 11.55 6.55 -16.97
N PHE B 68 11.19 5.31 -17.29
CA PHE B 68 10.74 4.36 -16.28
C PHE B 68 10.82 2.94 -16.84
N VAL B 69 10.43 1.97 -16.02
CA VAL B 69 10.44 0.55 -16.38
C VAL B 69 9.07 -0.03 -16.06
N ILE B 70 8.48 -0.73 -17.04
CA ILE B 70 7.17 -1.34 -16.82
C ILE B 70 7.19 -2.75 -17.40
N ARG B 71 6.03 -3.42 -17.38
CA ARG B 71 5.90 -4.70 -18.03
C ARG B 71 5.60 -4.53 -19.52
N GLY B 72 5.78 -5.61 -20.28
CA GLY B 72 5.57 -5.54 -21.72
C GLY B 72 4.13 -5.23 -22.09
N ASP B 73 3.20 -6.00 -21.54
CA ASP B 73 1.79 -5.83 -21.91
C ASP B 73 1.22 -4.50 -21.44
N GLU B 74 1.96 -3.75 -20.63
CA GLU B 74 1.56 -2.44 -20.17
C GLU B 74 2.08 -1.30 -21.05
N VAL B 75 2.92 -1.61 -22.06
CA VAL B 75 3.41 -0.54 -22.93
C VAL B 75 2.24 0.11 -23.67
N ARG B 76 1.19 -0.66 -23.96
CA ARG B 76 0.00 -0.10 -24.58
C ARG B 76 -0.67 0.95 -23.71
N GLN B 77 -0.41 0.95 -22.40
CA GLN B 77 -0.98 1.94 -21.49
C GLN B 77 -0.34 3.31 -21.61
N ILE B 78 0.86 3.40 -22.19
CA ILE B 78 1.55 4.70 -22.30
C ILE B 78 1.05 5.33 -23.60
N ALA B 79 -0.10 5.99 -23.50
CA ALA B 79 -0.78 6.59 -24.64
C ALA B 79 -1.89 7.51 -24.15
N PRO B 80 -2.25 8.54 -24.91
CA PRO B 80 -3.32 9.45 -24.47
C PRO B 80 -4.65 8.72 -24.32
N GLY B 81 -5.39 9.07 -23.28
CA GLY B 81 -6.74 8.55 -23.09
C GLY B 81 -6.85 7.10 -22.69
N GLN B 82 -5.74 6.45 -22.35
CA GLN B 82 -5.77 5.04 -22.01
C GLN B 82 -6.16 4.85 -20.54
N THR B 83 -6.53 3.62 -20.20
CA THR B 83 -6.91 3.27 -18.84
C THR B 83 -6.08 2.07 -18.39
N GLY B 84 -6.26 1.70 -17.13
CA GLY B 84 -5.41 0.75 -16.45
C GLY B 84 -4.69 1.37 -15.28
N LYS B 85 -4.12 0.50 -14.44
CA LYS B 85 -3.53 0.99 -13.20
C LYS B 85 -2.25 1.78 -13.46
N ILE B 86 -1.50 1.47 -14.51
CA ILE B 86 -0.31 2.27 -14.83
C ILE B 86 -0.72 3.65 -15.33
N ALA B 87 -1.66 3.70 -16.28
CA ALA B 87 -2.06 4.97 -16.86
C ALA B 87 -2.87 5.82 -15.88
N ASP B 88 -3.59 5.19 -14.96
CA ASP B 88 -4.45 5.92 -14.03
C ASP B 88 -3.77 6.23 -12.70
N TYR B 89 -2.81 5.40 -12.27
CA TYR B 89 -2.23 5.50 -10.94
C TYR B 89 -0.74 5.84 -10.94
N ASN B 90 -0.04 5.68 -12.06
CA ASN B 90 1.41 5.83 -12.08
C ASN B 90 1.89 6.89 -13.05
N TYR B 91 1.40 6.89 -14.29
CA TYR B 91 1.92 7.81 -15.31
C TYR B 91 0.83 8.03 -16.35
N LYS B 92 0.31 9.26 -16.42
CA LYS B 92 -0.79 9.60 -17.32
C LYS B 92 -0.33 10.60 -18.38
N LEU B 93 -0.82 10.41 -19.61
CA LEU B 93 -0.54 11.31 -20.71
C LEU B 93 -1.77 12.16 -21.04
N PRO B 94 -1.58 13.44 -21.36
CA PRO B 94 -2.72 14.31 -21.64
C PRO B 94 -3.41 13.93 -22.95
N ASP B 95 -4.68 14.32 -23.05
CA ASP B 95 -5.49 14.00 -24.22
C ASP B 95 -4.96 14.67 -25.49
N ASP B 96 -4.26 15.79 -25.35
CA ASP B 96 -3.70 16.52 -26.49
C ASP B 96 -2.18 16.37 -26.59
N PHE B 97 -1.67 15.21 -26.19
CA PHE B 97 -0.23 14.99 -26.12
C PHE B 97 0.43 15.13 -27.50
N THR B 98 1.54 15.86 -27.54
CA THR B 98 2.35 16.03 -28.73
C THR B 98 3.76 15.54 -28.40
N GLY B 99 4.17 14.43 -29.02
CA GLY B 99 5.47 13.86 -28.69
C GLY B 99 5.61 12.45 -29.22
N CYS B 100 6.49 11.68 -28.57
CA CYS B 100 6.76 10.32 -28.99
C CYS B 100 6.96 9.42 -27.77
N VAL B 101 6.68 8.13 -27.96
CA VAL B 101 6.86 7.10 -26.95
C VAL B 101 7.78 6.04 -27.52
N ILE B 102 8.84 5.71 -26.77
CA ILE B 102 9.82 4.69 -27.14
C ILE B 102 9.86 3.64 -26.03
N ALA B 103 9.87 2.38 -26.43
CA ALA B 103 9.94 1.28 -25.48
C ALA B 103 10.79 0.17 -26.06
N TRP B 104 11.66 -0.41 -25.24
CA TRP B 104 12.49 -1.51 -25.69
C TRP B 104 12.63 -2.55 -24.58
N ASN B 105 12.76 -3.81 -24.99
CA ASN B 105 12.93 -4.91 -24.06
C ASN B 105 14.25 -4.77 -23.30
N SER B 106 14.21 -4.97 -21.99
CA SER B 106 15.38 -4.88 -21.13
C SER B 106 15.44 -6.09 -20.21
N ASN B 107 15.16 -7.28 -20.76
CA ASN B 107 15.16 -8.50 -19.95
C ASN B 107 16.56 -8.81 -19.45
N ASN B 108 17.57 -8.68 -20.31
CA ASN B 108 18.94 -9.03 -19.95
C ASN B 108 19.51 -8.11 -18.88
N LEU B 109 18.91 -6.94 -18.67
CA LEU B 109 19.42 -5.96 -17.71
C LEU B 109 18.63 -5.93 -16.42
N ASP B 110 17.31 -5.89 -16.50
CA ASP B 110 16.46 -5.66 -15.34
C ASP B 110 15.94 -6.94 -14.69
N SER B 111 16.09 -8.10 -15.33
CA SER B 111 15.59 -9.36 -14.79
C SER B 111 16.70 -10.17 -14.16
N LYS B 112 16.42 -10.75 -12.99
CA LYS B 112 17.37 -11.58 -12.27
C LYS B 112 16.69 -12.86 -11.78
N VAL B 113 17.50 -13.89 -11.59
CA VAL B 113 16.99 -15.17 -11.09
C VAL B 113 16.55 -14.99 -9.64
N GLY B 114 15.33 -15.44 -9.33
CA GLY B 114 14.71 -15.19 -8.06
C GLY B 114 13.80 -13.98 -8.04
N GLY B 115 13.82 -13.16 -9.09
CA GLY B 115 12.97 -11.99 -9.16
C GLY B 115 13.66 -10.70 -8.78
N ASN B 116 13.52 -9.68 -9.62
CA ASN B 116 14.04 -8.34 -9.33
C ASN B 116 12.96 -7.55 -8.62
N TYR B 117 13.15 -7.31 -7.32
CA TYR B 117 12.13 -6.70 -6.48
C TYR B 117 12.36 -5.20 -6.28
N ASN B 118 13.21 -4.59 -7.10
CA ASN B 118 13.51 -3.18 -6.98
C ASN B 118 12.53 -2.28 -7.73
N TYR B 119 11.86 -2.82 -8.75
CA TYR B 119 10.92 -2.03 -9.54
C TYR B 119 9.51 -2.24 -9.00
N LEU B 120 8.86 -1.14 -8.62
CA LEU B 120 7.54 -1.17 -8.00
C LEU B 120 6.56 -0.42 -8.87
N TYR B 121 5.29 -0.48 -8.46
CA TYR B 121 4.25 0.30 -9.12
C TYR B 121 3.09 0.50 -8.14
N ARG B 122 2.27 1.50 -8.42
CA ARG B 122 1.13 1.80 -7.56
C ARG B 122 -0.04 0.89 -7.93
N LEU B 123 -0.53 0.13 -6.95
CA LEU B 123 -1.65 -0.78 -7.15
C LEU B 123 -2.98 -0.18 -6.72
N PHE B 124 -3.01 0.57 -5.62
CA PHE B 124 -4.22 1.13 -5.08
C PHE B 124 -4.11 2.65 -4.96
N ARG B 125 -5.23 3.33 -5.22
CA ARG B 125 -5.29 4.78 -5.10
C ARG B 125 -6.75 5.21 -5.13
N LYS B 126 -7.05 6.26 -4.36
CA LYS B 126 -8.43 6.72 -4.25
C LYS B 126 -8.90 7.42 -5.52
N SER B 127 -7.98 8.02 -6.28
CA SER B 127 -8.36 8.80 -7.45
C SER B 127 -7.32 8.65 -8.54
N ASN B 128 -7.72 8.97 -9.76
CA ASN B 128 -6.85 8.89 -10.92
C ASN B 128 -5.85 10.06 -10.94
N LEU B 129 -4.70 9.79 -11.55
CA LEU B 129 -3.70 10.84 -11.73
C LEU B 129 -4.13 11.81 -12.83
N LYS B 130 -3.84 13.10 -12.60
CA LYS B 130 -3.94 14.08 -13.66
C LYS B 130 -2.72 13.96 -14.58
N PRO B 131 -2.80 14.48 -15.81
CA PRO B 131 -1.69 14.28 -16.76
C PRO B 131 -0.38 14.80 -16.19
N PHE B 132 0.67 14.00 -16.38
CA PHE B 132 2.05 14.28 -15.97
C PHE B 132 2.21 14.41 -14.46
N GLU B 133 1.19 14.09 -13.68
CA GLU B 133 1.33 14.07 -12.24
C GLU B 133 1.99 12.76 -11.81
N ARG B 134 2.56 12.76 -10.61
CA ARG B 134 3.21 11.56 -10.08
C ARG B 134 3.07 11.52 -8.57
N ASP B 135 2.58 10.39 -8.05
CA ASP B 135 2.36 10.19 -6.62
C ASP B 135 3.42 9.22 -6.10
N ILE B 136 4.23 9.68 -5.14
CA ILE B 136 5.28 8.87 -4.56
C ILE B 136 5.05 8.64 -3.06
N SER B 137 3.81 8.84 -2.60
CA SER B 137 3.48 8.56 -1.22
C SER B 137 3.40 7.05 -0.98
N THR B 138 3.66 6.65 0.26
CA THR B 138 3.57 5.26 0.69
C THR B 138 2.57 5.11 1.83
N GLU B 139 1.46 5.84 1.74
CA GLU B 139 0.41 5.78 2.75
C GLU B 139 -0.46 4.54 2.56
N ILE B 140 -0.81 3.90 3.68
CA ILE B 140 -1.60 2.67 3.62
C ILE B 140 -2.96 2.94 2.97
N TYR B 141 -3.32 2.10 2.00
CA TYR B 141 -4.59 2.23 1.31
C TYR B 141 -5.71 1.65 2.16
N GLN B 142 -6.83 2.37 2.22
CA GLN B 142 -8.01 1.93 2.97
C GLN B 142 -9.04 1.39 1.97
N ALA B 143 -9.13 0.08 1.87
CA ALA B 143 -10.08 -0.53 0.95
C ALA B 143 -11.48 -0.63 1.52
N GLY B 144 -11.65 -0.41 2.83
CA GLY B 144 -12.96 -0.51 3.44
C GLY B 144 -13.32 0.65 4.35
N SER B 145 -14.36 0.47 5.17
CA SER B 145 -14.74 1.46 6.16
C SER B 145 -13.77 1.52 7.33
N THR B 146 -13.05 0.44 7.59
CA THR B 146 -12.21 0.34 8.77
C THR B 146 -11.04 1.31 8.67
N PRO B 147 -10.84 2.19 9.66
CA PRO B 147 -9.72 3.14 9.59
C PRO B 147 -8.38 2.43 9.70
N CYS B 148 -7.45 2.79 8.80
CA CYS B 148 -6.13 2.17 8.81
C CYS B 148 -5.25 2.79 9.90
N ASN B 149 -5.09 4.11 9.87
CA ASN B 149 -4.25 4.84 10.82
C ASN B 149 -2.80 4.32 10.81
N GLY B 150 -2.24 4.23 9.60
CA GLY B 150 -0.87 3.82 9.45
C GLY B 150 -0.58 2.38 9.77
N VAL B 151 -1.59 1.61 10.15
CA VAL B 151 -1.43 0.21 10.55
C VAL B 151 -1.79 -0.66 9.35
N GLU B 152 -0.84 -1.45 8.88
CA GLU B 152 -1.10 -2.36 7.78
C GLU B 152 -1.76 -3.61 8.33
N GLY B 153 -2.85 -4.03 7.70
CA GLY B 153 -3.60 -5.17 8.20
C GLY B 153 -4.93 -5.38 7.51
N PHE B 154 -5.98 -5.55 8.32
CA PHE B 154 -7.30 -5.85 7.79
C PHE B 154 -7.84 -4.71 6.93
N ASN B 155 -8.10 -5.00 5.66
CA ASN B 155 -8.60 -4.03 4.69
C ASN B 155 -7.69 -2.81 4.60
N CYS B 156 -6.39 -3.03 4.83
CA CYS B 156 -5.40 -1.95 4.88
C CYS B 156 -4.12 -2.48 4.26
N TYR B 157 -3.89 -2.16 2.99
CA TYR B 157 -2.77 -2.69 2.24
C TYR B 157 -1.77 -1.60 1.90
N PHE B 158 -0.51 -2.00 1.79
CA PHE B 158 0.51 -1.09 1.28
C PHE B 158 0.19 -0.74 -0.17
N PRO B 159 0.29 0.54 -0.55
CA PRO B 159 -0.19 0.94 -1.89
C PRO B 159 0.67 0.46 -3.03
N LEU B 160 1.90 0.01 -2.78
CA LEU B 160 2.83 -0.33 -3.84
C LEU B 160 3.03 -1.84 -3.93
N GLN B 161 3.24 -2.31 -5.16
CA GLN B 161 3.45 -3.72 -5.44
C GLN B 161 4.71 -3.89 -6.28
N SER B 162 5.47 -4.93 -5.97
CA SER B 162 6.73 -5.20 -6.66
C SER B 162 6.47 -6.01 -7.93
N TYR B 163 7.24 -5.71 -8.98
CA TYR B 163 7.07 -6.40 -10.25
C TYR B 163 7.57 -7.85 -10.16
N GLY B 164 8.76 -8.05 -9.60
CA GLY B 164 9.34 -9.37 -9.53
C GLY B 164 9.70 -9.94 -10.89
N PHE B 165 10.61 -9.28 -11.59
CA PHE B 165 11.00 -9.71 -12.93
C PHE B 165 11.95 -10.91 -12.85
N GLN B 166 11.62 -11.96 -13.60
CA GLN B 166 12.46 -13.15 -13.70
C GLN B 166 12.89 -13.39 -15.13
N PRO B 167 14.11 -13.89 -15.35
CA PRO B 167 14.59 -14.04 -16.73
C PRO B 167 13.80 -15.07 -17.52
N THR B 168 13.19 -16.04 -16.85
CA THR B 168 12.45 -17.12 -17.53
C THR B 168 11.02 -16.73 -17.86
N ASN B 169 10.61 -15.52 -17.55
CA ASN B 169 9.24 -15.09 -17.81
C ASN B 169 9.02 -14.94 -19.32
N GLY B 170 7.75 -14.90 -19.71
CA GLY B 170 7.42 -14.66 -21.10
C GLY B 170 7.62 -13.21 -21.47
N VAL B 171 7.47 -12.93 -22.77
CA VAL B 171 7.70 -11.58 -23.25
C VAL B 171 6.64 -10.62 -22.70
N GLY B 172 5.45 -11.12 -22.38
CA GLY B 172 4.42 -10.28 -21.82
C GLY B 172 4.77 -9.77 -20.43
N TYR B 173 5.36 -10.63 -19.59
CA TYR B 173 5.69 -10.28 -18.22
C TYR B 173 7.17 -9.94 -18.05
N GLN B 174 7.86 -9.53 -19.18
CA GLN B 174 9.25 -9.07 -19.18
C GLN B 174 9.34 -7.58 -18.89
N PRO B 175 10.46 -7.13 -18.31
CA PRO B 175 10.65 -5.69 -18.08
C PRO B 175 11.05 -4.96 -19.35
N TYR B 176 10.29 -3.91 -19.68
CA TYR B 176 10.58 -3.03 -20.80
C TYR B 176 10.93 -1.65 -20.27
N ARG B 177 12.02 -1.08 -20.78
CA ARG B 177 12.42 0.28 -20.46
C ARG B 177 11.71 1.24 -21.42
N VAL B 178 11.08 2.26 -20.86
CA VAL B 178 10.22 3.18 -21.60
C VAL B 178 10.71 4.60 -21.39
N VAL B 179 10.78 5.36 -22.49
CA VAL B 179 11.03 6.80 -22.47
C VAL B 179 9.90 7.49 -23.23
N VAL B 180 9.53 8.66 -22.74
CA VAL B 180 8.49 9.50 -23.34
C VAL B 180 9.11 10.86 -23.61
N LEU B 181 9.05 11.30 -24.88
CA LEU B 181 9.56 12.60 -25.26
C LEU B 181 8.37 13.53 -25.51
N SER B 182 8.27 14.57 -24.68
CA SER B 182 7.25 15.61 -24.83
C SER B 182 7.87 16.87 -25.39
N PHE B 183 7.21 17.47 -26.37
CA PHE B 183 7.70 18.64 -27.08
C PHE B 183 6.85 19.86 -26.73
N GLU B 184 7.52 20.96 -26.40
CA GLU B 184 6.90 22.14 -25.82
C GLU B 184 7.13 23.35 -26.71
N LEU B 185 6.03 23.99 -27.12
CA LEU B 185 6.01 25.30 -27.76
C LEU B 185 5.27 26.26 -26.83
N LEU B 186 5.90 27.41 -26.54
CA LEU B 186 5.42 28.30 -25.49
C LEU B 186 5.30 29.75 -25.94
N HIS B 187 5.26 30.00 -27.25
CA HIS B 187 5.31 31.36 -27.79
C HIS B 187 6.54 32.10 -27.29
N ALA B 188 7.63 31.36 -27.11
CA ALA B 188 8.87 31.82 -26.51
C ALA B 188 10.04 31.40 -27.37
N PRO B 189 11.27 31.83 -27.04
CA PRO B 189 12.43 31.39 -27.82
C PRO B 189 12.57 29.87 -27.83
N ALA B 190 13.06 29.36 -28.97
CA ALA B 190 13.25 27.92 -29.18
C ALA B 190 14.67 27.51 -28.81
N THR B 191 14.79 26.46 -27.99
CA THR B 191 16.08 25.99 -27.51
C THR B 191 16.50 24.63 -28.05
N VAL B 192 15.56 23.81 -28.52
CA VAL B 192 15.88 22.49 -29.06
C VAL B 192 15.50 22.47 -30.53
N CYS B 193 16.45 22.11 -31.39
CA CYS B 193 16.24 22.10 -32.83
C CYS B 193 16.94 20.90 -33.45
N GLY B 194 16.34 20.37 -34.52
CA GLY B 194 17.00 19.38 -35.33
C GLY B 194 17.96 20.00 -36.30
N PRO B 195 18.66 19.15 -37.06
CA PRO B 195 19.61 19.64 -38.05
C PRO B 195 18.93 20.28 -39.26
N LYS B 196 18.35 21.47 -39.07
CA LYS B 196 17.66 22.17 -40.14
C LYS B 196 18.34 23.49 -40.46
N GLU C 1 9.21 32.91 -19.26
CA GLU C 1 8.79 33.32 -17.91
C GLU C 1 7.32 33.04 -17.68
N VAL C 2 7.05 32.05 -16.82
CA VAL C 2 5.68 31.71 -16.46
C VAL C 2 5.23 32.65 -15.34
N GLN C 3 4.03 33.21 -15.50
CA GLN C 3 3.58 34.19 -14.52
C GLN C 3 2.07 34.14 -14.37
N LEU C 4 1.62 34.45 -13.15
CA LEU C 4 0.21 34.55 -12.80
C LEU C 4 -0.08 35.99 -12.39
N VAL C 5 -0.87 36.69 -13.19
CA VAL C 5 -1.20 38.08 -12.96
C VAL C 5 -2.63 38.14 -12.45
N GLN C 6 -2.81 38.74 -11.27
CA GLN C 6 -4.11 38.79 -10.62
C GLN C 6 -4.74 40.16 -10.80
N SER C 7 -6.05 40.21 -10.58
CA SER C 7 -6.78 41.46 -10.69
C SER C 7 -6.38 42.41 -9.57
N GLY C 8 -6.80 43.66 -9.69
CA GLY C 8 -6.42 44.67 -8.72
C GLY C 8 -7.12 44.50 -7.39
N ALA C 9 -6.68 45.30 -6.43
CA ALA C 9 -7.27 45.24 -5.10
C ALA C 9 -8.73 45.70 -5.14
N GLU C 10 -9.53 45.14 -4.25
CA GLU C 10 -10.96 45.40 -4.22
C GLU C 10 -11.38 45.84 -2.82
N VAL C 11 -12.32 46.79 -2.77
CA VAL C 11 -12.96 47.23 -1.54
C VAL C 11 -14.46 47.09 -1.73
N LYS C 12 -15.10 46.27 -0.90
CA LYS C 12 -16.50 45.96 -1.07
C LYS C 12 -17.22 46.06 0.28
N LYS C 13 -18.54 46.29 0.21
CA LYS C 13 -19.41 46.35 1.36
C LYS C 13 -19.92 44.96 1.70
N PRO C 14 -20.32 44.73 2.96
CA PRO C 14 -20.89 43.43 3.32
C PRO C 14 -22.15 43.12 2.51
N GLY C 15 -22.32 41.85 2.17
CA GLY C 15 -23.46 41.43 1.39
C GLY C 15 -23.30 41.52 -0.11
N GLU C 16 -22.28 42.25 -0.59
CA GLU C 16 -22.05 42.39 -2.01
C GLU C 16 -21.43 41.13 -2.59
N SER C 17 -21.40 41.07 -3.92
CA SER C 17 -20.77 39.99 -4.66
C SER C 17 -19.36 40.39 -5.06
N LEU C 18 -18.57 39.40 -5.47
CA LEU C 18 -17.20 39.68 -5.87
C LEU C 18 -16.70 38.58 -6.80
N LYS C 19 -15.90 38.97 -7.79
CA LYS C 19 -15.26 38.04 -8.71
C LYS C 19 -13.82 38.47 -8.93
N ILE C 20 -12.88 37.61 -8.53
CA ILE C 20 -11.45 37.84 -8.68
C ILE C 20 -10.97 37.03 -9.87
N SER C 21 -10.12 37.65 -10.68
CA SER C 21 -9.55 37.01 -11.86
C SER C 21 -8.07 36.72 -11.62
N CYS C 22 -7.56 35.74 -12.37
CA CYS C 22 -6.16 35.36 -12.27
C CYS C 22 -5.75 34.75 -13.61
N LYS C 23 -4.92 35.47 -14.37
CA LYS C 23 -4.55 35.07 -15.72
C LYS C 23 -3.16 34.44 -15.71
N GLY C 24 -3.02 33.30 -16.35
CA GLY C 24 -1.75 32.59 -16.43
C GLY C 24 -1.13 32.78 -17.81
N SER C 25 0.20 32.87 -17.83
CA SER C 25 0.91 33.02 -19.09
C SER C 25 2.24 32.31 -19.01
N GLY C 26 2.76 31.93 -20.19
CA GLY C 26 4.03 31.27 -20.30
C GLY C 26 4.01 29.77 -20.17
N TYR C 27 2.84 29.15 -20.17
CA TYR C 27 2.73 27.70 -20.04
C TYR C 27 1.36 27.27 -20.56
N THR C 28 1.22 25.96 -20.77
CA THR C 28 -0.05 25.41 -21.22
C THR C 28 -1.04 25.45 -20.06
N PHE C 29 -2.03 26.35 -20.17
CA PHE C 29 -2.92 26.64 -19.04
C PHE C 29 -3.70 25.42 -18.59
N THR C 30 -4.03 24.52 -19.51
CA THR C 30 -4.94 23.42 -19.22
C THR C 30 -4.27 22.22 -18.57
N ARG C 31 -2.93 22.21 -18.47
CA ARG C 31 -2.20 21.04 -17.99
C ARG C 31 -1.74 21.18 -16.54
N HIS C 32 -2.33 22.08 -15.78
CA HIS C 32 -1.97 22.27 -14.38
C HIS C 32 -3.22 22.63 -13.58
N TRP C 33 -3.15 22.36 -12.27
CA TRP C 33 -4.16 22.87 -11.37
C TRP C 33 -3.99 24.38 -11.20
N ILE C 34 -5.08 25.04 -10.80
CA ILE C 34 -5.05 26.44 -10.38
C ILE C 34 -5.83 26.51 -9.07
N GLY C 35 -5.14 26.87 -8.00
CA GLY C 35 -5.78 26.93 -6.69
C GLY C 35 -5.82 28.33 -6.10
N TRP C 36 -6.66 28.51 -5.08
CA TRP C 36 -6.81 29.77 -4.39
C TRP C 36 -6.48 29.57 -2.92
N VAL C 37 -5.61 30.41 -2.38
CA VAL C 37 -5.19 30.36 -0.98
C VAL C 37 -5.50 31.70 -0.34
N ARG C 38 -6.08 31.66 0.85
CA ARG C 38 -6.44 32.86 1.60
C ARG C 38 -5.44 33.09 2.72
N GLN C 39 -5.10 34.36 2.95
CA GLN C 39 -4.22 34.76 4.04
C GLN C 39 -4.82 35.97 4.73
N MET C 40 -5.34 35.79 5.93
CA MET C 40 -5.78 36.92 6.74
C MET C 40 -4.57 37.75 7.13
N PRO C 41 -4.75 39.06 7.38
CA PRO C 41 -3.59 39.92 7.68
C PRO C 41 -2.85 39.43 8.92
N GLY C 42 -1.59 39.04 8.72
CA GLY C 42 -0.78 38.55 9.81
C GLY C 42 -1.02 37.12 10.20
N LYS C 43 -1.85 36.40 9.47
CA LYS C 43 -2.20 35.02 9.78
C LYS C 43 -1.56 34.09 8.76
N GLY C 44 -1.86 32.79 8.89
CA GLY C 44 -1.26 31.80 8.03
C GLY C 44 -2.06 31.53 6.77
N LEU C 45 -1.48 30.70 5.91
CA LEU C 45 -2.12 30.35 4.66
C LEU C 45 -3.18 29.28 4.88
N GLU C 46 -4.32 29.43 4.20
CA GLU C 46 -5.43 28.49 4.28
C GLU C 46 -5.88 28.16 2.87
N TRP C 47 -5.74 26.89 2.48
CA TRP C 47 -6.23 26.45 1.17
C TRP C 47 -7.75 26.51 1.13
N MET C 48 -8.29 27.04 0.04
CA MET C 48 -9.74 27.12 -0.16
C MET C 48 -10.24 26.17 -1.22
N GLY C 49 -9.67 26.21 -2.42
CA GLY C 49 -10.14 25.35 -3.50
C GLY C 49 -9.16 25.34 -4.64
N VAL C 50 -9.48 24.53 -5.64
CA VAL C 50 -8.61 24.32 -6.79
C VAL C 50 -9.46 23.82 -7.96
N ILE C 51 -9.04 24.18 -9.17
CA ILE C 51 -9.72 23.75 -10.39
C ILE C 51 -8.66 23.33 -11.41
N TYR C 52 -8.93 22.22 -12.10
CA TYR C 52 -8.10 21.80 -13.22
C TYR C 52 -8.77 22.31 -14.49
N PRO C 53 -8.24 23.37 -15.13
CA PRO C 53 -8.93 23.94 -16.29
C PRO C 53 -9.05 23.00 -17.47
N GLY C 54 -8.29 21.90 -17.49
CA GLY C 54 -8.40 20.96 -18.60
C GLY C 54 -9.79 20.36 -18.74
N ASP C 55 -10.36 19.89 -17.62
CA ASP C 55 -11.67 19.27 -17.63
C ASP C 55 -12.61 19.88 -16.60
N SER C 56 -12.26 21.06 -16.05
CA SER C 56 -13.13 21.81 -15.14
C SER C 56 -13.46 21.03 -13.87
N ASP C 57 -12.54 20.17 -13.42
CA ASP C 57 -12.72 19.46 -12.16
C ASP C 57 -12.33 20.36 -11.00
N THR C 58 -13.20 20.46 -10.00
CA THR C 58 -12.99 21.36 -8.87
C THR C 58 -12.99 20.59 -7.55
N ARG C 59 -12.06 20.96 -6.67
CA ARG C 59 -12.00 20.45 -5.31
C ARG C 59 -12.03 21.62 -4.35
N TYR C 60 -12.82 21.50 -3.28
CA TYR C 60 -12.97 22.58 -2.30
C TYR C 60 -12.57 22.09 -0.93
N SER C 61 -12.02 23.01 -0.14
CA SER C 61 -11.77 22.74 1.27
C SER C 61 -13.09 22.67 2.02
N PRO C 62 -13.19 21.82 3.05
CA PRO C 62 -14.43 21.77 3.84
C PRO C 62 -14.81 23.12 4.44
N SER C 63 -13.84 23.91 4.90
CA SER C 63 -14.16 25.20 5.50
C SER C 63 -14.60 26.23 4.47
N PHE C 64 -14.40 25.98 3.18
CA PHE C 64 -14.77 26.92 2.14
C PHE C 64 -15.79 26.40 1.14
N GLN C 65 -16.04 25.09 1.10
CA GLN C 65 -16.98 24.54 0.13
C GLN C 65 -18.37 25.13 0.34
N GLY C 66 -18.98 25.58 -0.75
CA GLY C 66 -20.32 26.13 -0.73
C GLY C 66 -20.40 27.59 -0.36
N GLN C 67 -19.36 28.15 0.25
CA GLN C 67 -19.32 29.58 0.58
C GLN C 67 -18.58 30.40 -0.47
N VAL C 68 -17.96 29.74 -1.46
CA VAL C 68 -17.19 30.42 -2.48
C VAL C 68 -17.14 29.50 -3.69
N THR C 69 -17.04 30.08 -4.88
CA THR C 69 -17.08 29.31 -6.12
C THR C 69 -15.79 29.53 -6.91
N VAL C 70 -15.24 28.45 -7.45
CA VAL C 70 -14.02 28.50 -8.25
C VAL C 70 -14.36 28.04 -9.66
N SER C 71 -13.95 28.82 -10.66
CA SER C 71 -14.25 28.51 -12.04
C SER C 71 -13.05 28.88 -12.91
N ALA C 72 -13.17 28.62 -14.22
CA ALA C 72 -12.08 28.94 -15.13
C ALA C 72 -12.63 29.12 -16.54
N ASP C 73 -11.93 29.94 -17.31
CA ASP C 73 -12.15 30.11 -18.74
C ASP C 73 -10.81 29.77 -19.41
N LYS C 74 -10.75 28.59 -20.03
CA LYS C 74 -9.52 28.12 -20.66
C LYS C 74 -9.25 28.78 -22.00
N SER C 75 -10.27 29.41 -22.60
CA SER C 75 -10.07 30.04 -23.91
C SER C 75 -9.19 31.28 -23.80
N ILE C 76 -9.19 31.95 -22.64
CA ILE C 76 -8.36 33.12 -22.41
C ILE C 76 -7.42 32.92 -21.21
N SER C 77 -7.28 31.68 -20.73
CA SER C 77 -6.31 31.34 -19.69
C SER C 77 -6.53 32.13 -18.41
N THR C 78 -7.74 32.08 -17.87
CA THR C 78 -8.07 32.83 -16.67
C THR C 78 -8.83 31.94 -15.70
N ALA C 79 -8.58 32.12 -14.41
CA ALA C 79 -9.33 31.45 -13.35
C ALA C 79 -10.04 32.50 -12.52
N TYR C 80 -11.19 32.12 -11.98
CA TYR C 80 -12.07 33.05 -11.27
C TYR C 80 -12.40 32.51 -9.89
N LEU C 81 -12.45 33.42 -8.92
CA LEU C 81 -12.89 33.14 -7.56
C LEU C 81 -14.09 34.04 -7.26
N GLN C 82 -15.13 33.47 -6.67
CA GLN C 82 -16.41 34.17 -6.63
C GLN C 82 -17.05 34.08 -5.26
N TRP C 83 -17.48 35.24 -4.74
CA TRP C 83 -18.32 35.33 -3.56
C TRP C 83 -19.68 35.86 -3.96
N SER C 84 -20.73 35.25 -3.39
CA SER C 84 -22.10 35.71 -3.61
C SER C 84 -22.51 36.76 -2.60
N SER C 85 -22.11 36.60 -1.34
CA SER C 85 -22.39 37.55 -0.28
C SER C 85 -21.14 37.68 0.58
N LEU C 86 -20.53 38.87 0.58
CA LEU C 86 -19.30 39.07 1.32
C LEU C 86 -19.59 39.30 2.80
N LYS C 87 -18.65 38.88 3.64
CA LYS C 87 -18.73 39.05 5.07
C LYS C 87 -17.54 39.85 5.57
N ALA C 88 -17.67 40.40 6.78
CA ALA C 88 -16.58 41.17 7.36
C ALA C 88 -15.33 40.33 7.58
N SER C 89 -15.50 39.03 7.83
CA SER C 89 -14.37 38.14 8.07
C SER C 89 -13.61 37.78 6.80
N ASP C 90 -14.07 38.21 5.63
CA ASP C 90 -13.43 37.89 4.37
C ASP C 90 -12.31 38.85 3.99
N THR C 91 -12.07 39.90 4.78
CA THR C 91 -10.98 40.83 4.50
C THR C 91 -9.64 40.11 4.59
N ALA C 92 -8.96 39.93 3.46
CA ALA C 92 -7.73 39.15 3.44
C ALA C 92 -7.07 39.26 2.07
N MET C 93 -5.87 38.71 1.97
CA MET C 93 -5.18 38.54 0.70
C MET C 93 -5.55 37.20 0.10
N TYR C 94 -5.73 37.17 -1.22
CA TYR C 94 -6.11 35.95 -1.92
C TYR C 94 -5.13 35.71 -3.06
N PHE C 95 -4.31 34.66 -2.91
CA PHE C 95 -3.35 34.25 -3.93
C PHE C 95 -3.95 33.18 -4.83
N CYS C 96 -3.61 33.23 -6.11
CA CYS C 96 -3.84 32.13 -7.03
C CYS C 96 -2.49 31.48 -7.36
N ALA C 97 -2.46 30.15 -7.32
CA ALA C 97 -1.21 29.43 -7.44
C ALA C 97 -1.35 28.24 -8.38
N ARG C 98 -0.31 27.99 -9.16
CA ARG C 98 -0.28 26.84 -10.06
C ARG C 98 0.11 25.59 -9.27
N GLY C 99 -0.50 24.45 -9.62
CA GLY C 99 -0.30 23.21 -8.89
C GLY C 99 0.88 22.35 -9.27
N GLY C 100 1.63 22.69 -10.31
CA GLY C 100 2.80 21.93 -10.69
C GLY C 100 2.60 20.50 -11.16
N ILE C 101 3.62 19.95 -11.83
CA ILE C 101 3.63 18.57 -12.29
C ILE C 101 4.99 17.95 -11.95
N ALA C 102 5.14 16.68 -12.32
CA ALA C 102 6.37 15.90 -12.15
C ALA C 102 6.76 15.94 -10.67
N VAL C 103 7.98 16.34 -10.31
CA VAL C 103 8.41 16.36 -8.92
C VAL C 103 7.60 17.35 -8.09
N ALA C 104 7.00 18.35 -8.73
CA ALA C 104 6.24 19.36 -8.01
C ALA C 104 4.78 18.95 -7.81
N SER C 105 4.46 17.67 -7.99
CA SER C 105 3.09 17.22 -7.89
C SER C 105 2.57 17.40 -6.47
N GLY C 106 1.40 18.01 -6.34
CA GLY C 106 0.81 18.27 -5.03
C GLY C 106 1.25 19.56 -4.39
N ALA C 107 2.22 20.26 -4.96
CA ALA C 107 2.71 21.53 -4.43
C ALA C 107 2.19 22.67 -5.29
N PHE C 108 2.45 23.90 -4.83
CA PHE C 108 2.12 25.09 -5.61
C PHE C 108 3.44 25.75 -6.01
N ASP C 109 3.87 25.49 -7.25
CA ASP C 109 5.21 25.91 -7.66
C ASP C 109 5.30 27.39 -7.99
N ILE C 110 4.24 27.98 -8.55
CA ILE C 110 4.22 29.38 -8.97
C ILE C 110 3.04 30.07 -8.31
N TRP C 111 3.27 31.30 -7.85
CA TRP C 111 2.24 32.09 -7.18
C TRP C 111 2.14 33.45 -7.85
N GLY C 112 0.93 34.03 -7.81
CA GLY C 112 0.74 35.38 -8.29
C GLY C 112 1.01 36.41 -7.21
N GLN C 113 0.82 37.68 -7.56
CA GLN C 113 1.10 38.75 -6.62
C GLN C 113 0.13 38.71 -5.44
N GLY C 114 -1.08 38.20 -5.66
CA GLY C 114 -2.14 38.28 -4.67
C GLY C 114 -3.09 39.43 -4.92
N THR C 115 -4.33 39.25 -4.50
CA THR C 115 -5.36 40.27 -4.59
C THR C 115 -5.83 40.62 -3.19
N MET C 116 -5.75 41.89 -2.83
CA MET C 116 -6.18 42.34 -1.52
C MET C 116 -7.68 42.64 -1.56
N VAL C 117 -8.45 41.98 -0.71
CA VAL C 117 -9.89 42.19 -0.62
C VAL C 117 -10.19 42.77 0.75
N THR C 118 -10.72 43.99 0.77
CA THR C 118 -11.06 44.69 2.00
C THR C 118 -12.58 44.85 2.07
N VAL C 119 -13.18 44.36 3.15
CA VAL C 119 -14.60 44.51 3.41
C VAL C 119 -14.79 45.70 4.33
N PHE C 120 -15.53 46.69 3.87
CA PHE C 120 -15.66 47.99 4.53
C PHE C 120 -17.02 48.00 5.24
N ASN C 121 -16.99 48.02 6.57
CA ASN C 121 -18.17 48.03 7.41
C ASN C 121 -18.57 49.46 7.74
N GLN C 122 -19.43 49.61 8.74
CA GLN C 122 -19.73 50.90 9.32
C GLN C 122 -18.47 51.70 9.58
N ILE C 123 -18.50 53.00 9.27
CA ILE C 123 -17.50 53.87 9.85
C ILE C 123 -17.92 54.05 11.31
N LYS C 124 -17.19 53.42 12.23
CA LYS C 124 -17.66 53.36 13.59
C LYS C 124 -16.74 54.17 14.49
N PRO C 125 -17.26 55.13 15.24
CA PRO C 125 -16.43 55.84 16.20
C PRO C 125 -16.01 54.91 17.32
N PRO C 126 -14.88 55.16 17.95
CA PRO C 126 -14.39 54.26 19.00
C PRO C 126 -15.04 54.54 20.34
N SER C 127 -15.08 53.49 21.16
CA SER C 127 -15.49 53.61 22.55
C SER C 127 -14.22 53.65 23.40
N VAL C 128 -14.08 54.68 24.23
CA VAL C 128 -12.86 54.92 24.98
C VAL C 128 -13.14 54.70 26.46
N PHE C 129 -12.33 53.87 27.09
CA PHE C 129 -12.49 53.58 28.51
C PHE C 129 -11.16 53.75 29.24
N PRO C 130 -11.18 54.11 30.52
CA PRO C 130 -9.93 54.30 31.26
C PRO C 130 -9.46 53.03 31.96
N LEU C 131 -8.14 52.89 32.02
CA LEU C 131 -7.48 51.80 32.75
C LEU C 131 -6.66 52.44 33.88
N ALA C 132 -7.28 52.51 35.08
CA ALA C 132 -6.73 53.08 36.30
C ALA C 132 -5.82 52.09 37.01
N PRO C 133 -4.73 52.56 37.63
CA PRO C 133 -3.79 51.66 38.29
C PRO C 133 -4.27 51.28 39.68
N SER C 134 -3.62 50.27 40.25
CA SER C 134 -3.85 49.89 41.64
C SER C 134 -2.63 50.23 42.49
N GLY C 141 7.52 55.21 43.33
CA GLY C 141 7.35 54.11 42.40
C GLY C 141 6.70 54.53 41.10
N THR C 142 6.60 53.58 40.16
CA THR C 142 5.97 53.81 38.88
C THR C 142 4.54 53.26 38.86
N ALA C 143 3.70 53.88 38.04
CA ALA C 143 2.32 53.46 37.86
C ALA C 143 1.98 53.53 36.38
N ALA C 144 1.11 52.63 35.95
CA ALA C 144 0.74 52.49 34.54
C ALA C 144 -0.70 52.96 34.36
N LEU C 145 -0.86 54.16 33.81
CA LEU C 145 -2.16 54.66 33.39
C LEU C 145 -2.43 54.18 31.97
N GLY C 146 -3.70 54.08 31.61
CA GLY C 146 -3.96 53.80 30.21
C GLY C 146 -5.36 54.17 29.79
N CYS C 147 -5.59 54.10 28.48
CA CYS C 147 -6.94 54.15 27.95
C CYS C 147 -7.07 53.18 26.78
N LEU C 148 -8.18 52.46 26.77
CA LEU C 148 -8.49 51.47 25.75
C LEU C 148 -9.48 52.05 24.75
N VAL C 149 -9.15 51.94 23.47
CA VAL C 149 -9.93 52.48 22.36
C VAL C 149 -10.45 51.27 21.59
N LYS C 150 -11.74 50.97 21.73
CA LYS C 150 -12.30 49.71 21.29
C LYS C 150 -13.36 49.91 20.21
N ASP C 151 -13.40 48.95 19.27
CA ASP C 151 -14.49 48.79 18.31
C ASP C 151 -14.68 50.05 17.45
N TYR C 152 -13.65 50.33 16.65
CA TYR C 152 -13.69 51.43 15.70
C TYR C 152 -13.33 50.91 14.32
N PHE C 153 -13.80 51.64 13.31
CA PHE C 153 -13.52 51.31 11.91
C PHE C 153 -13.67 52.57 11.08
N PRO C 154 -12.75 52.85 10.16
CA PRO C 154 -11.50 52.11 9.94
C PRO C 154 -10.31 52.77 10.62
N GLU C 155 -9.12 52.30 10.26
CA GLU C 155 -7.89 52.97 10.66
C GLU C 155 -7.78 54.32 9.95
N PRO C 156 -7.04 55.28 10.53
CA PRO C 156 -6.33 55.16 11.80
C PRO C 156 -7.00 55.84 12.98
N VAL C 157 -6.47 55.58 14.17
CA VAL C 157 -6.80 56.32 15.38
C VAL C 157 -5.50 56.84 15.97
N THR C 158 -5.48 58.11 16.34
CA THR C 158 -4.27 58.74 16.88
C THR C 158 -4.49 59.07 18.35
N VAL C 159 -3.49 58.78 19.17
CA VAL C 159 -3.59 58.95 20.61
C VAL C 159 -2.49 59.87 21.09
N SER C 160 -2.86 60.86 21.89
CA SER C 160 -1.93 61.73 22.60
C SER C 160 -2.34 61.79 24.07
N TRP C 161 -1.46 62.33 24.90
CA TRP C 161 -1.75 62.44 26.33
C TRP C 161 -1.57 63.89 26.77
N ASN C 162 -2.59 64.43 27.43
CA ASN C 162 -2.60 65.83 27.87
C ASN C 162 -2.35 66.78 26.70
N SER C 163 -3.02 66.51 25.58
CA SER C 163 -2.94 67.34 24.37
C SER C 163 -1.50 67.48 23.88
N GLY C 164 -0.73 66.39 23.98
CA GLY C 164 0.63 66.36 23.52
C GLY C 164 1.65 66.86 24.52
N ALA C 165 1.22 67.33 25.69
CA ALA C 165 2.18 67.82 26.68
C ALA C 165 2.92 66.69 27.38
N LEU C 166 2.28 65.53 27.50
CA LEU C 166 2.89 64.36 28.13
C LEU C 166 3.34 63.40 27.04
N THR C 167 4.65 63.25 26.87
CA THR C 167 5.22 62.34 25.90
C THR C 167 6.17 61.31 26.49
N SER C 168 6.82 61.61 27.62
CA SER C 168 7.73 60.66 28.23
C SER C 168 6.95 59.51 28.85
N GLY C 169 7.32 58.29 28.47
CA GLY C 169 6.66 57.11 28.98
C GLY C 169 5.40 56.71 28.25
N VAL C 170 5.08 57.37 27.14
CA VAL C 170 3.88 57.07 26.38
C VAL C 170 4.18 55.92 25.43
N HIS C 171 3.23 55.01 25.28
CA HIS C 171 3.37 53.88 24.37
C HIS C 171 1.98 53.53 23.86
N THR C 172 1.75 53.71 22.57
CA THR C 172 0.50 53.33 21.93
C THR C 172 0.73 52.03 21.16
N PHE C 173 0.03 50.97 21.57
CA PHE C 173 0.24 49.67 20.96
C PHE C 173 -0.50 49.57 19.62
N PRO C 174 0.03 48.80 18.69
CA PRO C 174 -0.69 48.54 17.44
C PRO C 174 -2.02 47.85 17.71
N ALA C 175 -3.01 48.19 16.88
CA ALA C 175 -4.36 47.71 17.08
C ALA C 175 -4.52 46.26 16.62
N VAL C 176 -5.51 45.59 17.20
CA VAL C 176 -5.89 44.24 16.80
C VAL C 176 -7.10 44.35 15.89
N LEU C 177 -7.11 43.56 14.82
CA LEU C 177 -8.25 43.48 13.91
C LEU C 177 -9.08 42.27 14.35
N GLN C 178 -10.17 42.55 15.07
CA GLN C 178 -11.00 41.48 15.59
C GLN C 178 -11.72 40.77 14.45
N SER C 179 -12.17 39.54 14.74
CA SER C 179 -12.93 38.77 13.75
C SER C 179 -14.24 39.44 13.39
N SER C 180 -14.74 40.34 14.24
CA SER C 180 -15.94 41.10 13.93
C SER C 180 -15.71 42.17 12.88
N GLY C 181 -14.45 42.42 12.50
CA GLY C 181 -14.13 43.44 11.53
C GLY C 181 -13.73 44.78 12.10
N LEU C 182 -13.76 44.95 13.42
CA LEU C 182 -13.43 46.20 14.06
C LEU C 182 -12.03 46.16 14.66
N TYR C 183 -11.44 47.34 14.83
CA TYR C 183 -10.11 47.51 15.41
C TYR C 183 -10.22 47.91 16.88
N SER C 184 -9.15 47.64 17.62
CA SER C 184 -9.07 48.04 19.02
C SER C 184 -7.61 48.14 19.42
N LEU C 185 -7.24 49.24 20.09
CA LEU C 185 -5.90 49.40 20.61
C LEU C 185 -5.97 49.94 22.03
N SER C 186 -4.80 50.10 22.65
CA SER C 186 -4.70 50.70 23.96
C SER C 186 -3.45 51.57 24.00
N SER C 187 -3.48 52.59 24.85
CA SER C 187 -2.34 53.46 25.06
C SER C 187 -2.02 53.52 26.54
N VAL C 188 -0.75 53.36 26.89
CA VAL C 188 -0.31 53.29 28.29
C VAL C 188 0.80 54.30 28.52
N VAL C 189 0.71 55.01 29.64
CA VAL C 189 1.74 55.97 30.05
C VAL C 189 2.20 55.58 31.45
N THR C 190 3.52 55.58 31.64
CA THR C 190 4.12 55.26 32.93
C THR C 190 4.49 56.57 33.62
N VAL C 191 3.96 56.79 34.81
CA VAL C 191 4.18 58.04 35.53
C VAL C 191 4.61 57.73 36.96
N PRO C 192 5.22 58.70 37.65
CA PRO C 192 5.48 58.51 39.07
C PRO C 192 4.16 58.42 39.84
N SER C 193 4.07 57.42 40.72
CA SER C 193 2.83 57.21 41.46
C SER C 193 2.48 58.38 42.36
N SER C 194 3.50 59.09 42.87
CA SER C 194 3.24 60.21 43.78
C SER C 194 2.33 61.24 43.13
N SER C 195 2.62 61.63 41.88
CA SER C 195 1.74 62.57 41.20
C SER C 195 0.51 61.89 40.59
N LEU C 196 -0.10 60.96 41.31
CA LEU C 196 -1.41 60.44 40.91
C LEU C 196 -2.55 61.27 41.49
N GLY C 197 -2.35 61.86 42.66
CA GLY C 197 -3.40 62.59 43.35
C GLY C 197 -3.45 64.07 43.01
N THR C 198 -2.35 64.61 42.49
CA THR C 198 -2.26 66.01 42.09
C THR C 198 -2.39 66.21 40.59
N GLN C 199 -1.79 65.34 39.78
CA GLN C 199 -1.70 65.55 38.33
C GLN C 199 -2.80 64.77 37.62
N THR C 200 -3.52 65.46 36.74
CA THR C 200 -4.60 64.86 35.98
C THR C 200 -4.06 64.30 34.67
N TYR C 201 -4.47 63.09 34.32
CA TYR C 201 -4.01 62.40 33.13
C TYR C 201 -5.18 62.19 32.18
N ILE C 202 -5.10 62.79 31.00
CA ILE C 202 -6.17 62.78 30.01
C ILE C 202 -5.63 62.14 28.74
N CYS C 203 -6.34 61.13 28.23
CA CYS C 203 -5.99 60.51 26.96
C CYS C 203 -6.89 61.10 25.87
N ASN C 204 -6.25 61.64 24.82
CA ASN C 204 -6.94 62.27 23.70
C ASN C 204 -6.88 61.32 22.50
N VAL C 205 -8.04 60.90 22.02
CA VAL C 205 -8.16 59.96 20.90
C VAL C 205 -8.86 60.66 19.76
N ASN C 206 -8.24 60.64 18.58
CA ASN C 206 -8.79 61.27 17.39
C ASN C 206 -9.00 60.20 16.33
N HIS C 207 -10.24 60.08 15.87
CA HIS C 207 -10.61 59.22 14.74
C HIS C 207 -11.13 60.14 13.63
N LYS C 208 -10.28 60.40 12.64
CA LYS C 208 -10.69 61.24 11.52
C LYS C 208 -11.83 60.67 10.68
N PRO C 209 -11.89 59.37 10.35
CA PRO C 209 -12.96 58.92 9.46
C PRO C 209 -14.35 59.11 10.02
N SER C 210 -14.52 59.04 11.34
CA SER C 210 -15.80 59.26 11.97
C SER C 210 -15.92 60.66 12.55
N ASN C 211 -14.92 61.52 12.29
CA ASN C 211 -14.90 62.90 12.76
C ASN C 211 -15.12 62.99 14.27
N THR C 212 -14.44 62.12 15.02
CA THR C 212 -14.70 61.97 16.45
C THR C 212 -13.42 62.26 17.22
N LYS C 213 -13.53 63.10 18.24
CA LYS C 213 -12.44 63.31 19.18
C LYS C 213 -12.95 63.14 20.59
N VAL C 214 -12.26 62.32 21.37
CA VAL C 214 -12.68 61.99 22.73
C VAL C 214 -11.51 62.24 23.66
N ASP C 215 -11.74 63.00 24.74
CA ASP C 215 -10.75 63.21 25.77
C ASP C 215 -11.26 62.55 27.04
N LYS C 216 -10.57 61.51 27.50
CA LYS C 216 -11.00 60.70 28.63
C LYS C 216 -10.06 60.88 29.80
N ARG C 217 -10.62 61.14 30.98
CA ARG C 217 -9.84 61.22 32.20
C ARG C 217 -9.50 59.80 32.68
N VAL C 218 -8.24 59.56 32.99
CA VAL C 218 -7.79 58.28 33.54
C VAL C 218 -7.44 58.52 34.99
N GLU C 219 -8.12 57.80 35.88
CA GLU C 219 -8.21 58.25 37.25
C GLU C 219 -8.59 57.12 38.20
N PRO C 220 -7.86 56.95 39.31
CA PRO C 220 -8.13 55.84 40.23
C PRO C 220 -9.49 55.91 40.89
N LYS C 221 -9.95 54.75 41.32
CA LYS C 221 -11.27 54.55 41.91
C LYS C 221 -11.24 54.19 43.38
N SER C 222 -12.41 54.31 43.99
CA SER C 222 -12.69 53.84 45.34
C SER C 222 -11.64 54.24 46.36
N SER D 2 -7.33 15.83 8.88
CA SER D 2 -5.92 15.92 9.20
C SER D 2 -5.55 17.32 9.70
N ALA D 3 -4.84 17.38 10.82
CA ALA D 3 -4.41 18.64 11.42
C ALA D 3 -2.89 18.67 11.43
N LEU D 4 -2.32 19.72 10.85
CA LEU D 4 -0.88 19.89 10.79
C LEU D 4 -0.43 20.92 11.83
N THR D 5 0.56 20.54 12.63
CA THR D 5 1.00 21.34 13.77
C THR D 5 2.43 21.79 13.55
N GLN D 6 2.66 23.09 13.69
CA GLN D 6 3.98 23.69 13.60
C GLN D 6 4.22 24.53 14.85
N PRO D 7 5.46 24.58 15.34
CA PRO D 7 5.80 25.54 16.38
C PRO D 7 5.58 26.96 15.88
N PRO D 8 5.02 27.85 16.71
CA PRO D 8 4.77 29.21 16.25
C PRO D 8 6.03 29.98 15.89
N SER D 9 7.17 29.63 16.49
CA SER D 9 8.40 30.36 16.23
C SER D 9 9.61 29.47 16.49
N VAL D 10 10.72 29.83 15.84
CA VAL D 10 12.00 29.15 16.01
C VAL D 10 13.11 30.19 15.85
N SER D 11 14.08 30.18 16.76
CA SER D 11 15.14 31.18 16.78
C SER D 11 16.50 30.50 16.78
N VAL D 12 17.40 30.96 15.91
CA VAL D 12 18.76 30.46 15.82
C VAL D 12 19.73 31.62 15.66
N ALA D 13 21.01 31.34 15.89
CA ALA D 13 22.10 32.28 15.71
C ALA D 13 22.69 32.13 14.31
N PRO D 14 23.21 33.21 13.72
CA PRO D 14 23.75 33.10 12.36
C PRO D 14 24.86 32.07 12.28
N GLY D 15 24.84 31.29 11.20
CA GLY D 15 25.78 30.21 10.99
C GLY D 15 25.34 28.86 11.53
N LYS D 16 24.34 28.83 12.41
CA LYS D 16 23.87 27.61 13.02
C LYS D 16 22.79 26.96 12.14
N THR D 17 22.10 25.96 12.70
CA THR D 17 21.11 25.18 11.97
C THR D 17 19.74 25.37 12.59
N ALA D 18 18.74 25.61 11.75
CA ALA D 18 17.36 25.74 12.18
C ALA D 18 16.56 24.54 11.68
N ARG D 19 15.81 23.93 12.60
CA ARG D 19 14.96 22.78 12.27
C ARG D 19 13.52 23.17 12.58
N ILE D 20 12.67 23.14 11.56
CA ILE D 20 11.25 23.43 11.71
C ILE D 20 10.49 22.12 11.52
N THR D 21 9.65 21.78 12.49
CA THR D 21 8.98 20.49 12.52
C THR D 21 7.50 20.67 12.19
N CYS D 22 6.94 19.69 11.50
CA CYS D 22 5.54 19.64 11.12
C CYS D 22 4.98 18.35 11.69
N GLY D 23 3.91 18.46 12.47
CA GLY D 23 3.42 17.34 13.27
C GLY D 23 1.99 16.96 12.97
N GLY D 24 1.70 15.67 13.12
CA GLY D 24 0.36 15.13 12.94
C GLY D 24 0.42 13.61 13.05
N ASN D 25 -0.47 12.96 12.31
CA ASN D 25 -0.53 11.49 12.30
C ASN D 25 -0.05 10.94 10.95
N ASN D 26 1.02 10.14 10.98
CA ASN D 26 1.55 9.40 9.82
C ASN D 26 1.97 10.30 8.66
N ILE D 27 2.66 11.41 8.96
CA ILE D 27 3.10 12.33 7.93
C ILE D 27 4.17 11.69 7.06
N GLY D 28 4.93 10.77 7.62
CA GLY D 28 6.05 10.15 6.94
C GLY D 28 5.69 9.35 5.71
N SER D 29 4.41 9.04 5.51
CA SER D 29 3.99 8.28 4.36
C SER D 29 3.32 9.15 3.29
N LYS D 30 3.07 10.42 3.56
CA LYS D 30 2.41 11.31 2.63
C LYS D 30 3.39 12.34 2.08
N SER D 31 2.98 13.00 1.00
CA SER D 31 3.80 14.00 0.35
C SER D 31 3.67 15.33 1.09
N VAL D 32 4.80 15.83 1.61
CA VAL D 32 4.84 17.09 2.34
C VAL D 32 5.89 17.98 1.71
N HIS D 33 5.51 19.22 1.45
CA HIS D 33 6.41 20.22 0.86
C HIS D 33 6.60 21.37 1.84
N TRP D 34 7.63 22.18 1.59
CA TRP D 34 7.94 23.32 2.44
C TRP D 34 8.05 24.58 1.60
N TYR D 35 7.35 25.63 2.05
CA TYR D 35 7.33 26.94 1.41
C TYR D 35 7.95 27.98 2.34
N GLN D 36 8.60 28.96 1.72
CA GLN D 36 9.13 30.14 2.38
C GLN D 36 8.32 31.35 1.95
N GLN D 37 8.04 32.25 2.90
CA GLN D 37 7.34 33.50 2.62
C GLN D 37 8.05 34.62 3.36
N LYS D 38 8.75 35.47 2.61
CA LYS D 38 9.33 36.66 3.20
C LYS D 38 8.24 37.70 3.45
N ALA D 39 8.51 38.61 4.38
CA ALA D 39 7.52 39.61 4.75
C ALA D 39 7.16 40.48 3.55
N GLY D 40 5.87 40.52 3.23
CA GLY D 40 5.38 41.30 2.11
C GLY D 40 5.39 40.60 0.77
N GLN D 41 5.91 39.37 0.70
CA GLN D 41 6.05 38.65 -0.56
C GLN D 41 5.09 37.47 -0.63
N ALA D 42 4.98 36.93 -1.85
CA ALA D 42 4.26 35.69 -2.07
C ALA D 42 5.11 34.50 -1.67
N PRO D 43 4.49 33.36 -1.36
CA PRO D 43 5.28 32.19 -0.97
C PRO D 43 6.13 31.66 -2.12
N VAL D 44 7.21 30.99 -1.76
CA VAL D 44 8.11 30.34 -2.71
C VAL D 44 8.43 28.94 -2.19
N VAL D 45 8.40 27.96 -3.09
CA VAL D 45 8.74 26.59 -2.71
C VAL D 45 10.22 26.51 -2.40
N VAL D 46 10.56 26.01 -1.20
CA VAL D 46 11.94 25.75 -0.85
C VAL D 46 12.26 24.26 -0.82
N ILE D 47 11.28 23.41 -0.51
CA ILE D 47 11.53 21.97 -0.55
C ILE D 47 10.34 21.28 -1.18
N TYR D 48 10.62 20.41 -2.16
CA TYR D 48 9.61 19.52 -2.76
C TYR D 48 9.47 18.31 -1.85
N TYR D 49 8.88 17.20 -2.30
CA TYR D 49 8.56 16.24 -1.23
C TYR D 49 9.78 15.62 -0.54
N PRO D 50 10.57 14.69 -1.14
CA PRO D 50 11.54 14.00 -0.29
C PRO D 50 12.62 14.92 0.24
N SER D 51 13.55 15.33 -0.63
CA SER D 51 14.49 16.41 -0.34
C SER D 51 14.82 17.18 -1.61
N ASP D 52 13.91 17.18 -2.59
CA ASP D 52 14.20 17.79 -3.87
C ASP D 52 14.21 19.32 -3.77
N ARG D 53 15.25 19.93 -4.31
CA ARG D 53 15.23 21.37 -4.18
C ARG D 53 14.80 22.02 -5.49
N PRO D 54 13.96 23.04 -5.42
CA PRO D 54 13.62 23.79 -6.64
C PRO D 54 14.83 24.51 -7.19
N SER D 55 14.78 24.79 -8.49
CA SER D 55 15.89 25.45 -9.16
C SER D 55 16.15 26.82 -8.54
N GLY D 56 17.36 27.02 -8.02
CA GLY D 56 17.75 28.26 -7.39
C GLY D 56 17.78 28.21 -5.87
N ILE D 57 17.29 27.14 -5.25
CA ILE D 57 17.27 27.01 -3.80
C ILE D 57 18.61 26.43 -3.35
N PRO D 58 19.27 27.02 -2.37
CA PRO D 58 20.59 26.53 -1.95
C PRO D 58 20.52 25.13 -1.36
N GLU D 59 21.66 24.43 -1.46
CA GLU D 59 21.75 23.08 -0.93
C GLU D 59 21.67 23.03 0.59
N ARG D 60 21.77 24.19 1.26
CA ARG D 60 21.64 24.22 2.71
C ARG D 60 20.20 24.04 3.17
N PHE D 61 19.23 24.05 2.25
CA PHE D 61 17.84 23.72 2.58
C PHE D 61 17.62 22.24 2.29
N SER D 62 17.07 21.52 3.27
CA SER D 62 16.89 20.08 3.11
C SER D 62 15.65 19.63 3.86
N GLY D 63 15.17 18.45 3.51
CA GLY D 63 13.98 17.87 4.12
C GLY D 63 14.27 16.50 4.70
N SER D 64 13.68 16.21 5.85
CA SER D 64 13.83 14.95 6.56
C SER D 64 12.47 14.45 7.00
N ASN D 65 12.42 13.17 7.35
CA ASN D 65 11.13 12.52 7.58
C ASN D 65 11.20 11.60 8.79
N SER D 66 10.08 11.53 9.51
CA SER D 66 9.82 10.59 10.57
C SER D 66 8.37 10.12 10.43
N GLU D 67 8.02 9.08 11.20
CA GLU D 67 6.70 8.48 11.08
C GLU D 67 5.58 9.51 11.22
N ASN D 68 5.70 10.42 12.18
CA ASN D 68 4.64 11.38 12.50
C ASN D 68 5.16 12.82 12.43
N THR D 69 6.14 13.07 11.59
CA THR D 69 6.84 14.36 11.61
C THR D 69 7.53 14.57 10.27
N ALA D 70 7.49 15.80 9.78
CA ALA D 70 8.27 16.20 8.62
C ALA D 70 9.09 17.41 9.00
N THR D 71 10.39 17.40 8.72
CA THR D 71 11.28 18.43 9.23
C THR D 71 12.01 19.14 8.10
N LEU D 72 11.97 20.47 8.12
CA LEU D 72 12.77 21.30 7.24
C LEU D 72 14.02 21.74 7.98
N THR D 73 15.18 21.54 7.36
CA THR D 73 16.47 21.83 7.98
C THR D 73 17.21 22.85 7.14
N ILE D 74 17.60 23.96 7.76
CA ILE D 74 18.40 24.99 7.12
C ILE D 74 19.70 25.10 7.89
N SER D 75 20.80 24.71 7.26
CA SER D 75 22.11 24.72 7.90
C SER D 75 22.87 25.99 7.52
N GLY D 76 23.58 26.56 8.49
CA GLY D 76 24.29 27.81 8.28
C GLY D 76 23.34 28.94 7.92
N VAL D 77 22.47 29.31 8.87
CA VAL D 77 21.42 30.28 8.58
C VAL D 77 22.04 31.64 8.32
N GLU D 78 21.57 32.29 7.26
CA GLU D 78 21.94 33.66 6.95
C GLU D 78 20.86 34.62 7.41
N ALA D 79 21.17 35.92 7.37
CA ALA D 79 20.19 36.91 7.76
C ALA D 79 18.97 36.88 6.86
N GLY D 80 19.19 36.65 5.56
CA GLY D 80 18.12 36.62 4.59
C GLY D 80 17.18 35.44 4.73
N ASP D 81 17.49 34.50 5.61
CA ASP D 81 16.64 33.33 5.83
C ASP D 81 15.48 33.62 6.77
N GLU D 82 15.39 34.85 7.29
CA GLU D 82 14.28 35.24 8.15
C GLU D 82 13.00 35.32 7.34
N ALA D 83 12.01 34.48 7.69
CA ALA D 83 10.77 34.40 6.94
C ALA D 83 9.79 33.51 7.68
N ASP D 84 8.57 33.41 7.15
CA ASP D 84 7.59 32.46 7.63
C ASP D 84 7.68 31.20 6.78
N TYR D 85 7.80 30.05 7.45
CA TYR D 85 7.94 28.77 6.76
C TYR D 85 6.70 27.92 7.01
N TYR D 86 6.17 27.32 5.94
CA TYR D 86 4.94 26.55 6.00
C TYR D 86 5.17 25.15 5.44
N CYS D 87 4.62 24.14 6.12
CA CYS D 87 4.55 22.80 5.57
C CYS D 87 3.18 22.58 4.94
N GLN D 88 3.15 21.84 3.83
CA GLN D 88 1.93 21.58 3.09
C GLN D 88 1.79 20.11 2.77
N LEU D 89 0.58 19.58 2.98
CA LEU D 89 0.25 18.19 2.74
C LEU D 89 -0.54 18.05 1.44
N TRP D 90 -0.38 16.90 0.79
CA TRP D 90 -1.15 16.58 -0.41
C TRP D 90 -2.46 15.87 -0.09
N ASP D 91 -2.43 14.88 0.81
CA ASP D 91 -3.63 14.19 1.29
C ASP D 91 -4.40 13.55 0.12
N THR D 92 -3.77 12.51 -0.45
CA THR D 92 -4.36 11.80 -1.57
C THR D 92 -5.68 11.13 -1.25
N ASN D 93 -6.04 11.00 0.03
CA ASN D 93 -7.33 10.39 0.39
C ASN D 93 -8.49 11.23 -0.12
N SER D 94 -8.52 12.52 0.23
CA SER D 94 -9.62 13.40 -0.09
C SER D 94 -9.26 14.47 -1.12
N ASP D 95 -8.03 14.47 -1.62
CA ASP D 95 -7.54 15.52 -2.52
C ASP D 95 -7.66 16.90 -1.87
N HIS D 96 -7.12 17.02 -0.66
CA HIS D 96 -7.20 18.25 0.13
C HIS D 96 -5.79 18.75 0.38
N TRP D 97 -5.42 19.84 -0.30
CA TRP D 97 -4.19 20.53 0.04
C TRP D 97 -4.32 21.17 1.42
N VAL D 98 -3.43 20.78 2.34
CA VAL D 98 -3.49 21.26 3.72
C VAL D 98 -2.19 21.97 4.06
N PHE D 99 -2.31 23.16 4.62
CA PHE D 99 -1.15 23.94 5.04
C PHE D 99 -0.94 23.82 6.54
N GLY D 100 0.31 24.03 6.96
CA GLY D 100 0.63 24.10 8.36
C GLY D 100 0.29 25.46 8.95
N GLY D 101 0.48 25.57 10.26
CA GLY D 101 0.18 26.82 10.93
C GLY D 101 1.16 27.94 10.59
N GLY D 102 2.36 27.58 10.21
CA GLY D 102 3.40 28.54 9.92
C GLY D 102 4.36 28.72 11.09
N THR D 103 5.63 28.97 10.77
CA THR D 103 6.65 29.19 11.78
C THR D 103 7.51 30.38 11.39
N LYS D 104 7.64 31.35 12.29
CA LYS D 104 8.48 32.53 12.07
C LYS D 104 9.91 32.19 12.45
N LEU D 105 10.81 32.14 11.47
CA LEU D 105 12.23 31.91 11.72
C LEU D 105 12.92 33.24 11.98
N THR D 106 13.45 33.41 13.18
CA THR D 106 14.17 34.61 13.57
C THR D 106 15.67 34.32 13.65
N VAL D 107 16.46 35.11 12.94
CA VAL D 107 17.92 35.00 12.98
C VAL D 107 18.44 36.01 14.01
N LEU D 108 19.09 35.51 15.05
CA LEU D 108 19.51 36.38 16.14
C LEU D 108 20.51 37.43 15.67
N GLY D 109 20.09 38.70 15.66
CA GLY D 109 20.96 39.79 15.31
C GLY D 109 21.30 40.67 16.51
N GLN D 110 20.35 40.78 17.42
CA GLN D 110 20.49 41.50 18.68
C GLN D 110 20.57 40.50 19.84
N PRO D 111 20.85 40.99 21.06
CA PRO D 111 20.80 40.08 22.22
C PRO D 111 19.37 39.64 22.53
N LYS D 112 19.19 38.87 23.58
CA LYS D 112 17.87 38.39 23.96
C LYS D 112 17.23 39.36 24.94
N ALA D 113 15.89 39.41 24.91
CA ALA D 113 15.13 40.33 25.76
C ALA D 113 13.84 39.65 26.19
N ALA D 114 13.68 39.50 27.51
CA ALA D 114 12.44 38.99 28.06
C ALA D 114 11.33 40.03 27.91
N PRO D 115 10.08 39.60 27.84
CA PRO D 115 8.98 40.56 27.66
C PRO D 115 8.50 41.17 28.97
N SER D 116 8.05 42.41 28.87
CA SER D 116 7.39 43.09 29.98
C SER D 116 5.89 43.07 29.74
N VAL D 117 5.13 42.61 30.73
CA VAL D 117 3.70 42.37 30.57
C VAL D 117 2.93 43.18 31.61
N THR D 118 1.94 43.93 31.15
CA THR D 118 1.03 44.67 32.02
C THR D 118 -0.40 44.24 31.71
N LEU D 119 -1.15 43.85 32.74
CA LEU D 119 -2.50 43.33 32.58
C LEU D 119 -3.49 44.29 33.23
N PHE D 120 -4.46 44.76 32.44
CA PHE D 120 -5.49 45.68 32.87
C PHE D 120 -6.84 44.98 32.91
N PRO D 121 -7.52 45.05 34.04
CA PRO D 121 -8.89 44.50 34.16
C PRO D 121 -9.89 45.42 33.49
N PRO D 122 -11.15 45.00 33.33
CA PRO D 122 -12.13 45.87 32.68
C PRO D 122 -12.41 47.11 33.50
N SER D 123 -12.67 48.21 32.79
CA SER D 123 -13.10 49.43 33.46
C SER D 123 -14.53 49.28 33.93
N SER D 124 -14.89 50.01 34.99
CA SER D 124 -16.27 49.97 35.46
C SER D 124 -17.24 50.53 34.44
N GLU D 125 -16.84 51.58 33.71
CA GLU D 125 -17.73 52.12 32.70
C GLU D 125 -18.08 51.05 31.68
N GLU D 126 -17.10 50.22 31.31
CA GLU D 126 -17.37 49.13 30.39
C GLU D 126 -18.28 48.07 31.02
N LEU D 127 -18.08 47.76 32.31
CA LEU D 127 -18.94 46.79 32.97
C LEU D 127 -20.37 47.30 33.06
N GLN D 128 -20.54 48.59 33.34
CA GLN D 128 -21.86 49.21 33.34
C GLN D 128 -22.51 49.12 31.96
N ALA D 129 -21.69 49.06 30.91
CA ALA D 129 -22.17 48.94 29.54
C ALA D 129 -22.44 47.49 29.14
N ASN D 130 -22.32 46.56 30.09
CA ASN D 130 -22.59 45.14 29.88
C ASN D 130 -21.54 44.50 28.96
N LYS D 131 -20.28 44.92 29.12
CA LYS D 131 -19.16 44.28 28.46
C LYS D 131 -17.99 44.20 29.44
N ALA D 132 -17.02 43.36 29.09
CA ALA D 132 -15.78 43.27 29.86
C ALA D 132 -14.64 42.86 28.94
N THR D 133 -13.51 43.56 29.05
CA THR D 133 -12.33 43.26 28.25
C THR D 133 -11.09 43.28 29.12
N LEU D 134 -10.25 42.26 28.97
CA LEU D 134 -8.96 42.18 29.67
C LEU D 134 -7.84 42.50 28.69
N VAL D 135 -6.97 43.43 29.07
CA VAL D 135 -5.94 43.94 28.16
C VAL D 135 -4.57 43.50 28.68
N CYS D 136 -3.88 42.64 27.92
CA CYS D 136 -2.54 42.18 28.25
C CYS D 136 -1.58 42.81 27.25
N LEU D 137 -0.71 43.69 27.72
CA LEU D 137 0.21 44.43 26.87
C LEU D 137 1.62 43.93 27.12
N ILE D 138 2.28 43.48 26.04
CA ILE D 138 3.60 42.86 26.10
C ILE D 138 4.54 43.73 25.28
N SER D 139 5.64 44.14 25.88
CA SER D 139 6.53 45.10 25.24
C SER D 139 7.99 44.76 25.51
N ASP D 140 8.86 45.24 24.61
CA ASP D 140 10.30 45.25 24.82
C ASP D 140 10.88 43.84 24.91
N PHE D 141 10.50 42.99 23.95
CA PHE D 141 11.01 41.64 23.87
C PHE D 141 11.62 41.40 22.49
N TYR D 142 12.62 40.51 22.46
CA TYR D 142 13.25 40.08 21.23
C TYR D 142 13.81 38.69 21.49
N PRO D 143 13.65 37.74 20.56
CA PRO D 143 13.01 37.86 19.23
C PRO D 143 11.51 38.17 19.30
N GLY D 144 10.99 38.74 18.21
CA GLY D 144 9.61 39.16 18.17
C GLY D 144 8.64 38.02 17.96
N ALA D 145 8.49 37.19 18.98
CA ALA D 145 7.58 36.04 18.90
C ALA D 145 7.29 35.57 20.32
N VAL D 146 6.03 35.67 20.74
CA VAL D 146 5.59 35.18 22.04
C VAL D 146 4.30 34.40 21.83
N THR D 147 3.98 33.57 22.82
CA THR D 147 2.70 32.83 22.84
C THR D 147 1.93 33.23 24.08
N VAL D 148 0.64 33.55 23.90
CA VAL D 148 -0.19 34.10 24.97
C VAL D 148 -1.25 33.07 25.33
N ALA D 149 -1.32 32.73 26.62
CA ALA D 149 -2.33 31.83 27.15
C ALA D 149 -3.14 32.55 28.21
N TRP D 150 -4.46 32.54 28.06
CA TRP D 150 -5.37 33.14 29.02
C TRP D 150 -5.95 32.04 29.90
N LYS D 151 -5.97 32.28 31.21
CA LYS D 151 -6.47 31.30 32.17
C LYS D 151 -7.53 31.94 33.05
N ALA D 152 -8.75 31.43 32.99
CA ALA D 152 -9.74 31.76 33.99
C ALA D 152 -9.45 30.92 35.23
N ASP D 153 -9.10 31.58 36.32
CA ASP D 153 -8.55 30.90 37.50
C ASP D 153 -7.27 30.17 37.07
N SER D 154 -7.38 28.87 36.82
CA SER D 154 -6.30 28.11 36.22
C SER D 154 -6.73 27.33 34.98
N SER D 155 -8.03 27.32 34.64
CA SER D 155 -8.50 26.63 33.45
C SER D 155 -8.21 27.45 32.20
N PRO D 156 -7.78 26.81 31.11
CA PRO D 156 -7.51 27.55 29.87
C PRO D 156 -8.77 28.18 29.30
N VAL D 157 -8.59 29.30 28.60
CA VAL D 157 -9.66 29.98 27.88
C VAL D 157 -9.28 30.02 26.41
N LYS D 158 -10.19 29.56 25.55
CA LYS D 158 -9.98 29.57 24.11
C LYS D 158 -10.79 30.63 23.38
N ALA D 159 -12.06 30.78 23.73
CA ALA D 159 -12.92 31.75 23.06
C ALA D 159 -12.72 33.15 23.61
N GLY D 160 -12.87 34.15 22.74
CA GLY D 160 -12.75 35.54 23.12
C GLY D 160 -11.35 36.12 23.07
N VAL D 161 -10.35 35.34 22.71
CA VAL D 161 -8.97 35.81 22.69
C VAL D 161 -8.64 36.38 21.32
N GLU D 162 -8.15 37.62 21.30
CA GLU D 162 -7.66 38.25 20.08
C GLU D 162 -6.28 38.83 20.38
N THR D 163 -5.26 38.27 19.75
CA THR D 163 -3.87 38.65 20.00
C THR D 163 -3.28 39.24 18.73
N THR D 164 -2.51 40.31 18.88
CA THR D 164 -1.90 40.98 17.75
C THR D 164 -0.63 40.27 17.30
N THR D 165 -0.24 40.51 16.05
CA THR D 165 1.06 40.06 15.61
C THR D 165 2.15 41.00 16.16
N PRO D 166 3.28 40.47 16.60
CA PRO D 166 4.35 41.33 17.12
C PRO D 166 4.86 42.29 16.05
N SER D 167 5.18 43.51 16.49
CA SER D 167 5.66 44.56 15.60
C SER D 167 6.86 45.26 16.23
N LYS D 168 7.70 45.82 15.36
CA LYS D 168 8.95 46.42 15.80
C LYS D 168 8.69 47.79 16.43
N GLN D 169 9.34 48.04 17.57
CA GLN D 169 9.29 49.33 18.22
C GLN D 169 10.37 50.26 17.64
N SER D 170 10.43 51.48 18.16
CA SER D 170 11.44 52.43 17.74
C SER D 170 12.84 52.03 18.22
N ASN D 171 12.91 51.36 19.38
CA ASN D 171 14.17 50.87 19.94
C ASN D 171 14.56 49.50 19.41
N ASN D 172 14.01 49.09 18.27
CA ASN D 172 14.34 47.83 17.59
C ASN D 172 13.95 46.59 18.39
N LYS D 173 13.08 46.73 19.38
CA LYS D 173 12.45 45.60 20.05
C LYS D 173 11.01 45.49 19.59
N TYR D 174 10.30 44.49 20.11
CA TYR D 174 8.97 44.15 19.63
C TYR D 174 7.92 44.34 20.71
N ALA D 175 6.68 44.55 20.27
CA ALA D 175 5.55 44.71 21.16
C ALA D 175 4.33 44.02 20.55
N ALA D 176 3.41 43.62 21.42
CA ALA D 176 2.17 42.97 21.02
C ALA D 176 1.15 43.15 22.14
N SER D 177 -0.11 42.88 21.81
CA SER D 177 -1.18 42.97 22.79
C SER D 177 -2.17 41.83 22.58
N SER D 178 -2.87 41.48 23.66
CA SER D 178 -3.88 40.44 23.64
C SER D 178 -5.10 40.91 24.43
N TYR D 179 -6.27 40.82 23.82
CA TYR D 179 -7.52 41.24 24.43
C TYR D 179 -8.41 40.01 24.63
N LEU D 180 -8.93 39.87 25.85
CA LEU D 180 -9.88 38.82 26.18
C LEU D 180 -11.25 39.47 26.39
N SER D 181 -12.15 39.25 25.44
CA SER D 181 -13.52 39.74 25.55
C SER D 181 -14.38 38.69 26.23
N LEU D 182 -15.24 39.13 27.14
CA LEU D 182 -16.04 38.20 27.93
C LEU D 182 -17.16 38.97 28.61
N THR D 183 -18.26 38.26 28.87
CA THR D 183 -19.41 38.88 29.51
C THR D 183 -19.10 39.20 30.97
N PRO D 184 -19.78 40.20 31.55
CA PRO D 184 -19.52 40.52 32.97
C PRO D 184 -19.82 39.36 33.90
N GLU D 185 -20.74 38.46 33.53
CA GLU D 185 -21.10 37.36 34.40
C GLU D 185 -19.93 36.40 34.58
N GLN D 186 -19.25 36.05 33.48
CA GLN D 186 -18.08 35.19 33.61
C GLN D 186 -16.94 35.89 34.32
N TRP D 187 -16.83 37.22 34.16
CA TRP D 187 -15.82 37.98 34.87
C TRP D 187 -16.04 37.89 36.39
N LYS D 188 -17.29 38.07 36.83
CA LYS D 188 -17.57 38.02 38.25
C LYS D 188 -17.62 36.61 38.80
N SER D 189 -17.77 35.59 37.94
CA SER D 189 -17.94 34.22 38.41
C SER D 189 -16.62 33.53 38.73
N HIS D 190 -15.48 34.15 38.46
CA HIS D 190 -14.18 33.55 38.68
C HIS D 190 -13.39 34.38 39.68
N ARG D 191 -12.53 33.69 40.45
CA ARG D 191 -11.75 34.38 41.47
C ARG D 191 -10.73 35.33 40.84
N SER D 192 -10.16 34.97 39.69
CA SER D 192 -9.14 35.78 39.05
C SER D 192 -8.95 35.28 37.63
N TYR D 193 -8.30 36.10 36.83
CA TYR D 193 -7.87 35.76 35.48
C TYR D 193 -6.39 36.00 35.35
N SER D 194 -5.73 35.20 34.52
CA SER D 194 -4.29 35.25 34.37
C SER D 194 -3.92 35.30 32.90
N CYS D 195 -2.86 36.07 32.60
CA CYS D 195 -2.29 36.17 31.27
C CYS D 195 -0.86 35.67 31.36
N GLN D 196 -0.56 34.59 30.63
CA GLN D 196 0.77 34.01 30.57
C GLN D 196 1.37 34.32 29.21
N VAL D 197 2.52 34.96 29.20
CA VAL D 197 3.27 35.24 27.97
C VAL D 197 4.53 34.40 28.01
N THR D 198 4.68 33.52 27.02
CA THR D 198 5.84 32.65 26.92
C THR D 198 6.74 33.15 25.80
N HIS D 199 8.01 33.34 26.12
CA HIS D 199 9.03 33.83 25.21
C HIS D 199 10.30 33.03 25.45
N GLU D 200 10.81 32.40 24.39
CA GLU D 200 12.06 31.63 24.45
C GLU D 200 12.06 30.63 25.60
N GLY D 201 10.93 29.95 25.78
CA GLY D 201 10.81 28.91 26.78
C GLY D 201 10.59 29.38 28.20
N SER D 202 10.55 30.69 28.44
CA SER D 202 10.31 31.22 29.77
C SER D 202 9.02 32.02 29.79
N THR D 203 8.24 31.90 30.86
CA THR D 203 6.91 32.47 30.92
C THR D 203 6.82 33.53 32.01
N VAL D 204 6.04 34.58 31.73
CA VAL D 204 5.72 35.65 32.68
C VAL D 204 4.20 35.75 32.77
N GLU D 205 3.67 35.68 33.99
CA GLU D 205 2.23 35.66 34.22
C GLU D 205 1.80 36.85 35.06
N LYS D 206 0.67 37.44 34.68
CA LYS D 206 0.04 38.52 35.44
C LYS D 206 -1.40 38.16 35.75
N THR D 207 -1.89 38.54 36.92
CA THR D 207 -3.22 38.14 37.39
C THR D 207 -4.03 39.35 37.82
N VAL D 208 -5.33 39.32 37.51
CA VAL D 208 -6.26 40.37 37.91
C VAL D 208 -7.51 39.74 38.53
N ALA D 209 -8.19 40.50 39.38
CA ALA D 209 -9.33 40.01 40.15
C ALA D 209 -10.49 40.98 40.09
N PRO D 210 -11.73 40.48 40.18
CA PRO D 210 -12.90 41.37 40.08
C PRO D 210 -13.06 42.33 41.24
N THR D 211 -12.58 41.97 42.43
CA THR D 211 -12.82 42.74 43.65
C THR D 211 -12.52 44.24 43.51
N GLU E 1 -3.49 -7.62 -15.48
CA GLU E 1 -2.71 -8.10 -14.36
C GLU E 1 -3.64 -8.63 -13.27
N VAL E 2 -3.68 -9.96 -13.13
CA VAL E 2 -4.50 -10.61 -12.11
C VAL E 2 -3.70 -10.72 -10.84
N GLN E 3 -4.29 -10.30 -9.72
CA GLN E 3 -3.55 -10.26 -8.46
C GLN E 3 -4.49 -10.48 -7.29
N LEU E 4 -3.97 -11.17 -6.26
CA LEU E 4 -4.65 -11.36 -4.99
C LEU E 4 -3.72 -10.82 -3.90
N VAL E 5 -4.09 -9.70 -3.28
CA VAL E 5 -3.26 -9.05 -2.26
C VAL E 5 -3.89 -9.32 -0.89
N GLN E 6 -3.11 -9.91 0.01
CA GLN E 6 -3.61 -10.26 1.33
C GLN E 6 -3.13 -9.28 2.38
N SER E 7 -3.80 -9.29 3.53
CA SER E 7 -3.47 -8.41 4.63
C SER E 7 -2.11 -8.80 5.24
N GLY E 8 -1.62 -7.93 6.12
CA GLY E 8 -0.33 -8.14 6.75
C GLY E 8 -0.34 -9.23 7.80
N ALA E 9 0.86 -9.57 8.26
CA ALA E 9 1.03 -10.61 9.27
C ALA E 9 0.43 -10.18 10.61
N GLU E 10 -0.05 -11.16 11.37
CA GLU E 10 -0.73 -10.92 12.64
C GLU E 10 -0.10 -11.72 13.76
N VAL E 11 -0.05 -11.13 14.95
CA VAL E 11 0.37 -11.79 16.18
C VAL E 11 -0.74 -11.64 17.20
N LYS E 12 -1.31 -12.77 17.64
CA LYS E 12 -2.46 -12.76 18.53
C LYS E 12 -2.27 -13.76 19.66
N LYS E 13 -2.99 -13.53 20.75
CA LYS E 13 -2.99 -14.42 21.90
C LYS E 13 -4.03 -15.51 21.73
N PRO E 14 -3.87 -16.65 22.40
CA PRO E 14 -4.89 -17.71 22.31
C PRO E 14 -6.24 -17.21 22.82
N GLY E 15 -7.31 -17.67 22.17
CA GLY E 15 -8.65 -17.30 22.51
C GLY E 15 -9.16 -16.03 21.87
N GLU E 16 -8.27 -15.21 21.31
CA GLU E 16 -8.67 -13.98 20.65
C GLU E 16 -9.28 -14.29 19.29
N SER E 17 -9.89 -13.28 18.69
CA SER E 17 -10.46 -13.39 17.36
C SER E 17 -9.47 -12.87 16.33
N LEU E 18 -9.75 -13.19 15.06
CA LEU E 18 -8.88 -12.73 13.98
C LEU E 18 -9.69 -12.71 12.70
N LYS E 19 -9.44 -11.70 11.87
CA LYS E 19 -10.06 -11.60 10.56
C LYS E 19 -9.02 -11.13 9.56
N ILE E 20 -8.70 -11.96 8.59
CA ILE E 20 -7.76 -11.62 7.53
C ILE E 20 -8.55 -11.33 6.26
N SER E 21 -8.10 -10.31 5.52
CA SER E 21 -8.72 -9.87 4.28
C SER E 21 -7.85 -10.30 3.10
N CYS E 22 -8.48 -10.37 1.94
CA CYS E 22 -7.78 -10.79 0.73
C CYS E 22 -8.51 -10.17 -0.46
N LYS E 23 -7.89 -9.17 -1.06
CA LYS E 23 -8.51 -8.34 -2.10
C LYS E 23 -8.03 -8.76 -3.48
N GLY E 24 -8.97 -8.90 -4.42
CA GLY E 24 -8.64 -9.29 -5.77
C GLY E 24 -8.70 -8.11 -6.73
N SER E 25 -7.81 -8.10 -7.71
CA SER E 25 -7.78 -7.05 -8.72
C SER E 25 -7.35 -7.65 -10.05
N GLY E 26 -7.78 -7.00 -11.12
CA GLY E 26 -7.44 -7.44 -12.46
C GLY E 26 -8.35 -8.49 -13.05
N TYR E 27 -9.47 -8.79 -12.40
CA TYR E 27 -10.41 -9.79 -12.90
C TYR E 27 -11.76 -9.55 -12.25
N THR E 28 -12.79 -10.17 -12.81
CA THR E 28 -14.15 -10.05 -12.28
C THR E 28 -14.27 -10.86 -11.00
N PHE E 29 -14.34 -10.18 -9.86
CA PHE E 29 -14.28 -10.85 -8.57
C PHE E 29 -15.43 -11.83 -8.38
N THR E 30 -16.58 -11.55 -8.96
CA THR E 30 -17.78 -12.33 -8.68
C THR E 30 -17.87 -13.60 -9.52
N ARG E 31 -16.99 -13.80 -10.51
CA ARG E 31 -17.09 -14.91 -11.44
C ARG E 31 -16.07 -16.01 -11.16
N HIS E 32 -15.53 -16.08 -9.94
CA HIS E 32 -14.54 -17.09 -9.58
C HIS E 32 -14.74 -17.51 -8.14
N TRP E 33 -14.26 -18.71 -7.83
CA TRP E 33 -14.16 -19.14 -6.44
C TRP E 33 -13.03 -18.38 -5.74
N ILE E 34 -13.12 -18.31 -4.41
CA ILE E 34 -12.00 -17.85 -3.59
C ILE E 34 -11.84 -18.84 -2.45
N GLY E 35 -10.69 -19.50 -2.39
CA GLY E 35 -10.45 -20.49 -1.36
C GLY E 35 -9.32 -20.12 -0.42
N TRP E 36 -9.28 -20.79 0.73
CA TRP E 36 -8.28 -20.57 1.76
C TRP E 36 -7.51 -21.86 2.01
N VAL E 37 -6.18 -21.77 1.97
CA VAL E 37 -5.30 -22.92 2.14
C VAL E 37 -4.38 -22.62 3.32
N ARG E 38 -4.21 -23.60 4.20
CA ARG E 38 -3.33 -23.46 5.34
C ARG E 38 -2.03 -24.20 5.11
N GLN E 39 -0.92 -23.61 5.56
CA GLN E 39 0.39 -24.25 5.50
C GLN E 39 1.07 -24.04 6.85
N MET E 40 1.16 -25.10 7.65
CA MET E 40 1.94 -25.05 8.86
C MET E 40 3.41 -24.89 8.50
N PRO E 41 4.22 -24.30 9.39
CA PRO E 41 5.64 -24.07 9.06
C PRO E 41 6.36 -25.37 8.76
N GLY E 42 6.82 -25.50 7.52
CA GLY E 42 7.53 -26.69 7.08
C GLY E 42 6.66 -27.87 6.71
N LYS E 43 5.34 -27.71 6.69
CA LYS E 43 4.40 -28.78 6.38
C LYS E 43 3.74 -28.52 5.03
N GLY E 44 2.75 -29.37 4.68
CA GLY E 44 2.10 -29.28 3.39
C GLY E 44 0.85 -28.40 3.38
N LEU E 45 0.31 -28.21 2.17
CA LEU E 45 -0.87 -27.38 1.98
C LEU E 45 -2.14 -28.12 2.38
N GLU E 46 -3.05 -27.40 3.06
CA GLU E 46 -4.32 -27.94 3.50
C GLU E 46 -5.44 -26.99 3.11
N TRP E 47 -6.33 -27.44 2.23
CA TRP E 47 -7.50 -26.67 1.87
C TRP E 47 -8.44 -26.58 3.06
N MET E 48 -8.96 -25.37 3.32
CA MET E 48 -9.88 -25.13 4.43
C MET E 48 -11.30 -24.86 3.96
N GLY E 49 -11.48 -23.93 3.04
CA GLY E 49 -12.82 -23.59 2.59
C GLY E 49 -12.77 -22.76 1.33
N VAL E 50 -13.96 -22.44 0.83
CA VAL E 50 -14.09 -21.72 -0.43
C VAL E 50 -15.42 -20.98 -0.42
N ILE E 51 -15.45 -19.83 -1.09
CA ILE E 51 -16.64 -19.00 -1.22
C ILE E 51 -16.75 -18.51 -2.65
N TYR E 52 -17.96 -18.55 -3.19
CA TYR E 52 -18.24 -17.95 -4.49
C TYR E 52 -18.86 -16.57 -4.26
N PRO E 53 -18.13 -15.48 -4.51
CA PRO E 53 -18.67 -14.16 -4.20
C PRO E 53 -19.91 -13.79 -5.00
N GLY E 54 -20.20 -14.50 -6.09
CA GLY E 54 -21.39 -14.20 -6.86
C GLY E 54 -22.67 -14.40 -6.07
N ASP E 55 -22.79 -15.54 -5.39
CA ASP E 55 -23.98 -15.84 -4.60
C ASP E 55 -23.66 -16.22 -3.16
N SER E 56 -22.43 -15.98 -2.70
CA SER E 56 -22.03 -16.22 -1.31
C SER E 56 -22.20 -17.67 -0.90
N ASP E 57 -22.02 -18.59 -1.85
CA ASP E 57 -22.05 -20.02 -1.54
C ASP E 57 -20.73 -20.44 -0.93
N THR E 58 -20.79 -21.15 0.19
CA THR E 58 -19.60 -21.54 0.95
C THR E 58 -19.50 -23.05 1.04
N ARG E 59 -18.30 -23.57 0.84
CA ARG E 59 -17.99 -24.98 1.05
C ARG E 59 -16.82 -25.10 2.00
N TYR E 60 -16.93 -26.01 2.97
CA TYR E 60 -15.92 -26.18 4.00
C TYR E 60 -15.36 -27.59 3.99
N SER E 61 -14.08 -27.71 4.33
CA SER E 61 -13.50 -29.01 4.57
C SER E 61 -14.04 -29.59 5.88
N PRO E 62 -14.23 -30.90 5.94
CA PRO E 62 -14.67 -31.51 7.22
C PRO E 62 -13.72 -31.22 8.36
N SER E 63 -12.41 -31.21 8.10
CA SER E 63 -11.43 -30.95 9.15
C SER E 63 -11.43 -29.49 9.62
N PHE E 64 -12.04 -28.58 8.88
CA PHE E 64 -12.07 -27.18 9.24
C PHE E 64 -13.46 -26.61 9.46
N GLN E 65 -14.51 -27.33 9.07
CA GLN E 65 -15.87 -26.82 9.21
C GLN E 65 -16.20 -26.57 10.68
N GLY E 66 -16.75 -25.39 10.96
CA GLY E 66 -17.14 -25.02 12.30
C GLY E 66 -16.04 -24.39 13.14
N GLN E 67 -14.78 -24.57 12.75
CA GLN E 67 -13.67 -23.95 13.47
C GLN E 67 -13.20 -22.64 12.84
N VAL E 68 -13.73 -22.28 11.67
CA VAL E 68 -13.31 -21.09 10.95
C VAL E 68 -14.45 -20.68 10.03
N THR E 69 -14.52 -19.38 9.72
CA THR E 69 -15.60 -18.83 8.91
C THR E 69 -15.03 -18.14 7.67
N VAL E 70 -15.65 -18.38 6.52
CA VAL E 70 -15.24 -17.79 5.26
C VAL E 70 -16.38 -16.93 4.73
N SER E 71 -16.08 -15.69 4.37
CA SER E 71 -17.10 -14.78 3.86
C SER E 71 -16.50 -13.91 2.77
N ALA E 72 -17.33 -13.04 2.20
CA ALA E 72 -16.84 -12.17 1.13
C ALA E 72 -17.71 -10.91 1.06
N ASP E 73 -17.09 -9.83 0.60
CA ASP E 73 -17.75 -8.57 0.28
C ASP E 73 -17.43 -8.27 -1.18
N LYS E 74 -18.42 -8.46 -2.05
CA LYS E 74 -18.22 -8.25 -3.48
C LYS E 74 -18.23 -6.78 -3.86
N SER E 75 -18.71 -5.90 -2.98
CA SER E 75 -18.76 -4.47 -3.30
C SER E 75 -17.37 -3.87 -3.37
N ILE E 76 -16.41 -4.43 -2.62
CA ILE E 76 -15.03 -3.98 -2.64
C ILE E 76 -14.06 -5.08 -3.06
N SER E 77 -14.59 -6.18 -3.60
CA SER E 77 -13.78 -7.26 -4.18
C SER E 77 -12.82 -7.86 -3.14
N THR E 78 -13.39 -8.27 -2.00
CA THR E 78 -12.58 -8.78 -0.90
C THR E 78 -13.20 -10.06 -0.34
N ALA E 79 -12.35 -10.98 0.09
CA ALA E 79 -12.77 -12.17 0.81
C ALA E 79 -12.16 -12.15 2.21
N TYR E 80 -12.87 -12.74 3.16
CA TYR E 80 -12.51 -12.69 4.57
C TYR E 80 -12.42 -14.09 5.14
N LEU E 81 -11.42 -14.29 6.00
CA LEU E 81 -11.28 -15.51 6.79
C LEU E 81 -11.26 -15.12 8.26
N GLN E 82 -12.04 -15.82 9.09
CA GLN E 82 -12.31 -15.36 10.44
C GLN E 82 -12.23 -16.50 11.44
N TRP E 83 -11.50 -16.27 12.54
CA TRP E 83 -11.49 -17.14 13.70
C TRP E 83 -12.12 -16.41 14.88
N SER E 84 -12.92 -17.14 15.66
CA SER E 84 -13.50 -16.59 16.88
C SER E 84 -12.61 -16.79 18.09
N SER E 85 -11.97 -17.96 18.22
CA SER E 85 -11.07 -18.24 19.33
C SER E 85 -9.86 -18.97 18.79
N LEU E 86 -8.70 -18.31 18.82
CA LEU E 86 -7.48 -18.88 18.27
C LEU E 86 -6.84 -19.86 19.25
N LYS E 87 -6.13 -20.84 18.68
CA LYS E 87 -5.35 -21.79 19.45
C LYS E 87 -3.89 -21.70 19.02
N ALA E 88 -3.02 -22.24 19.87
CA ALA E 88 -1.60 -22.26 19.54
C ALA E 88 -1.34 -23.05 18.26
N SER E 89 -2.17 -24.05 17.98
CA SER E 89 -2.04 -24.88 16.79
C SER E 89 -2.43 -24.16 15.50
N ASP E 90 -2.94 -22.94 15.60
CA ASP E 90 -3.35 -22.17 14.43
C ASP E 90 -2.20 -21.36 13.83
N THR E 91 -1.03 -21.36 14.46
CA THR E 91 0.13 -20.63 13.94
C THR E 91 0.55 -21.19 12.59
N ALA E 92 0.37 -20.41 11.52
CA ALA E 92 0.65 -20.94 10.18
C ALA E 92 0.55 -19.82 9.16
N MET E 93 0.92 -20.15 7.92
CA MET E 93 0.69 -19.29 6.78
C MET E 93 -0.67 -19.61 6.18
N TYR E 94 -1.38 -18.58 5.73
CA TYR E 94 -2.71 -18.74 5.17
C TYR E 94 -2.75 -18.08 3.81
N PHE E 95 -2.85 -18.88 2.76
CA PHE E 95 -2.96 -18.37 1.40
C PHE E 95 -4.42 -18.27 1.02
N CYS E 96 -4.76 -17.23 0.27
CA CYS E 96 -6.04 -17.17 -0.44
C CYS E 96 -5.76 -17.33 -1.93
N ALA E 97 -6.57 -18.15 -2.59
CA ALA E 97 -6.32 -18.49 -3.98
C ALA E 97 -7.61 -18.40 -4.78
N ARG E 98 -7.50 -17.89 -6.00
CA ARG E 98 -8.66 -17.80 -6.88
C ARG E 98 -8.88 -19.12 -7.60
N GLY E 99 -10.14 -19.50 -7.72
CA GLY E 99 -10.51 -20.74 -8.39
C GLY E 99 -10.65 -20.49 -9.87
N GLY E 100 -9.88 -21.19 -10.67
CA GLY E 100 -9.93 -21.01 -12.11
C GLY E 100 -11.25 -21.46 -12.71
N ILE E 101 -11.43 -21.06 -13.97
CA ILE E 101 -12.56 -21.47 -14.78
C ILE E 101 -12.01 -22.03 -16.09
N ALA E 102 -12.92 -22.48 -16.96
CA ALA E 102 -12.55 -23.11 -18.24
C ALA E 102 -11.61 -24.26 -17.93
N VAL E 103 -10.42 -24.33 -18.53
CA VAL E 103 -9.51 -25.44 -18.28
C VAL E 103 -9.01 -25.45 -16.84
N ALA E 104 -9.00 -24.30 -16.17
CA ALA E 104 -8.52 -24.17 -14.80
C ALA E 104 -9.62 -24.39 -13.76
N SER E 105 -10.72 -25.04 -14.13
CA SER E 105 -11.91 -25.08 -13.27
C SER E 105 -11.62 -25.71 -11.91
N GLY E 106 -11.02 -26.89 -11.90
CA GLY E 106 -10.76 -27.54 -10.63
C GLY E 106 -9.56 -27.03 -9.86
N ALA E 107 -8.76 -26.15 -10.46
CA ALA E 107 -7.53 -25.70 -9.85
C ALA E 107 -7.66 -24.29 -9.27
N PHE E 108 -6.61 -23.87 -8.58
CA PHE E 108 -6.47 -22.52 -8.03
C PHE E 108 -5.35 -21.84 -8.82
N ASP E 109 -5.73 -21.03 -9.83
CA ASP E 109 -4.73 -20.52 -10.76
C ASP E 109 -3.92 -19.36 -10.19
N ILE E 110 -4.48 -18.52 -9.32
CA ILE E 110 -3.83 -17.32 -8.83
C ILE E 110 -3.73 -17.39 -7.30
N TRP E 111 -2.56 -17.00 -6.76
CA TRP E 111 -2.31 -17.03 -5.32
C TRP E 111 -1.77 -15.69 -4.82
N GLY E 112 -2.05 -15.40 -3.55
CA GLY E 112 -1.50 -14.26 -2.86
C GLY E 112 -0.19 -14.57 -2.14
N GLN E 113 0.29 -13.58 -1.37
CA GLN E 113 1.53 -13.78 -0.62
C GLN E 113 1.38 -14.85 0.44
N GLY E 114 0.20 -14.93 1.03
CA GLY E 114 0.00 -15.63 2.27
C GLY E 114 0.06 -14.65 3.43
N THR E 115 -0.66 -14.97 4.50
CA THR E 115 -0.67 -14.17 5.71
C THR E 115 -0.13 -15.02 6.84
N MET E 116 0.91 -14.54 7.52
CA MET E 116 1.49 -15.27 8.64
C MET E 116 0.73 -14.93 9.91
N VAL E 117 0.16 -15.95 10.55
CA VAL E 117 -0.58 -15.78 11.80
C VAL E 117 0.19 -16.51 12.89
N THR E 118 0.65 -15.76 13.88
CA THR E 118 1.41 -16.31 15.00
C THR E 118 0.60 -16.16 16.28
N VAL E 119 0.32 -17.28 16.94
CA VAL E 119 -0.37 -17.26 18.23
C VAL E 119 0.68 -17.43 19.31
N PHE E 120 0.89 -16.38 20.09
CA PHE E 120 1.93 -16.33 21.11
C PHE E 120 1.27 -16.27 22.49
N ASN E 121 1.60 -17.23 23.35
CA ASN E 121 0.97 -17.29 24.67
C ASN E 121 1.70 -16.44 25.70
N GLN E 122 3.01 -16.64 25.85
CA GLN E 122 3.81 -15.80 26.74
C GLN E 122 5.27 -15.91 26.35
N ILE E 123 6.01 -14.82 26.58
CA ILE E 123 7.47 -14.85 26.49
C ILE E 123 8.02 -15.72 27.61
N LYS E 124 8.56 -16.88 27.26
CA LYS E 124 9.01 -17.89 28.21
C LYS E 124 10.53 -18.06 28.11
N PRO E 125 11.27 -17.93 29.22
CA PRO E 125 12.71 -18.21 29.18
C PRO E 125 12.95 -19.70 28.97
N PRO E 126 14.10 -20.06 28.40
CA PRO E 126 14.37 -21.47 28.11
C PRO E 126 14.87 -22.24 29.33
N SER E 127 14.61 -23.54 29.31
CA SER E 127 15.19 -24.47 30.28
C SER E 127 16.38 -25.17 29.63
N VAL E 128 17.55 -25.07 30.27
CA VAL E 128 18.81 -25.55 29.70
C VAL E 128 19.28 -26.75 30.51
N PHE E 129 19.56 -27.85 29.81
CA PHE E 129 20.03 -29.08 30.42
C PHE E 129 21.29 -29.57 29.72
N PRO E 130 22.13 -30.32 30.41
CA PRO E 130 23.36 -30.82 29.79
C PRO E 130 23.15 -32.12 29.04
N LEU E 131 23.91 -32.27 27.97
CA LEU E 131 23.96 -33.47 27.13
C LEU E 131 25.36 -34.05 27.33
N ALA E 132 25.44 -35.07 28.18
CA ALA E 132 26.73 -35.65 28.56
C ALA E 132 27.36 -36.35 27.37
N PRO E 133 28.70 -36.35 27.27
CA PRO E 133 29.35 -36.83 26.05
C PRO E 133 29.25 -38.32 25.81
N SER E 134 29.70 -39.12 26.76
CA SER E 134 29.60 -40.57 26.72
C SER E 134 30.23 -41.12 27.98
N SER E 135 30.06 -42.43 28.18
CA SER E 135 30.81 -43.18 29.17
C SER E 135 31.96 -43.91 28.47
N LYS E 136 33.07 -44.05 29.19
CA LYS E 136 34.29 -44.65 28.66
C LYS E 136 34.71 -43.95 27.36
N SER E 137 34.72 -42.62 27.41
CA SER E 137 35.06 -41.84 26.22
C SER E 137 36.52 -42.03 25.82
N THR E 138 37.39 -42.33 26.79
CA THR E 138 38.81 -42.68 26.67
C THR E 138 39.68 -41.79 25.77
N SER E 139 40.97 -41.71 26.09
CA SER E 139 41.88 -40.82 25.38
C SER E 139 42.06 -41.28 23.93
N GLY E 140 42.44 -40.32 23.08
CA GLY E 140 42.73 -40.60 21.69
C GLY E 140 41.56 -40.46 20.74
N GLY E 141 40.35 -40.18 21.24
CA GLY E 141 39.17 -40.08 20.39
C GLY E 141 38.45 -38.75 20.62
N THR E 142 37.40 -38.57 19.81
CA THR E 142 36.56 -37.38 19.89
C THR E 142 35.30 -37.71 20.69
N ALA E 143 34.74 -36.68 21.33
CA ALA E 143 33.53 -36.80 22.13
C ALA E 143 32.65 -35.59 21.86
N ALA E 144 31.33 -35.80 21.95
CA ALA E 144 30.34 -34.79 21.63
C ALA E 144 29.65 -34.32 22.91
N LEU E 145 30.01 -33.11 23.37
CA LEU E 145 29.28 -32.46 24.45
C LEU E 145 28.08 -31.72 23.89
N GLY E 146 27.10 -31.47 24.75
CA GLY E 146 26.04 -30.61 24.28
C GLY E 146 25.25 -30.00 25.41
N CYS E 147 24.35 -29.09 25.03
CA CYS E 147 23.30 -28.68 25.94
C CYS E 147 22.01 -28.50 25.16
N LEU E 148 20.92 -28.96 25.76
CA LEU E 148 19.59 -28.92 25.17
C LEU E 148 18.81 -27.76 25.78
N VAL E 149 18.24 -26.93 24.92
CA VAL E 149 17.52 -25.72 25.30
C VAL E 149 16.06 -25.93 24.90
N LYS E 150 15.20 -26.12 25.89
CA LYS E 150 13.82 -26.56 25.67
C LYS E 150 12.82 -25.53 26.19
N ASP E 151 11.67 -25.44 25.49
CA ASP E 151 10.49 -24.72 25.96
C ASP E 151 10.79 -23.23 26.18
N TYR E 152 11.10 -22.55 25.08
CA TYR E 152 11.30 -21.11 25.08
C TYR E 152 10.46 -20.47 23.98
N PHE E 153 10.16 -19.17 24.17
CA PHE E 153 9.37 -18.38 23.24
C PHE E 153 9.75 -16.92 23.44
N PRO E 154 10.09 -16.17 22.37
CA PRO E 154 10.25 -16.62 20.99
C PRO E 154 11.66 -16.90 20.56
N GLU E 155 11.82 -17.07 19.25
CA GLU E 155 13.13 -17.09 18.66
C GLU E 155 13.75 -15.70 18.78
N PRO E 156 15.07 -15.60 18.83
CA PRO E 156 16.01 -16.72 18.83
C PRO E 156 16.57 -17.01 20.20
N VAL E 157 17.34 -18.08 20.29
CA VAL E 157 18.18 -18.37 21.45
C VAL E 157 19.61 -18.52 20.92
N THR E 158 20.56 -17.88 21.57
CA THR E 158 21.94 -17.87 21.09
C THR E 158 22.82 -18.67 22.04
N VAL E 159 23.68 -19.52 21.46
CA VAL E 159 24.53 -20.41 22.22
C VAL E 159 25.97 -20.17 21.83
N SER E 160 26.83 -20.01 22.84
CA SER E 160 28.28 -19.98 22.64
C SER E 160 28.90 -20.99 23.61
N TRP E 161 30.18 -21.28 23.41
CA TRP E 161 30.86 -22.26 24.23
C TRP E 161 32.11 -21.64 24.83
N ASN E 162 32.24 -21.76 26.16
CA ASN E 162 33.35 -21.16 26.91
C ASN E 162 33.46 -19.67 26.61
N SER E 163 32.30 -19.00 26.62
CA SER E 163 32.21 -17.55 26.40
C SER E 163 32.84 -17.15 25.06
N GLY E 164 32.63 -17.98 24.04
CA GLY E 164 33.15 -17.70 22.72
C GLY E 164 34.57 -18.15 22.46
N ALA E 165 35.25 -18.72 23.47
CA ALA E 165 36.62 -19.17 23.27
C ALA E 165 36.70 -20.47 22.48
N LEU E 166 35.65 -21.30 22.53
CA LEU E 166 35.60 -22.58 21.83
C LEU E 166 34.78 -22.41 20.56
N THR E 167 35.46 -22.49 19.42
CA THR E 167 34.83 -22.34 18.12
C THR E 167 35.00 -23.55 17.22
N SER E 168 36.08 -24.32 17.38
CA SER E 168 36.27 -25.50 16.56
C SER E 168 35.29 -26.60 16.98
N GLY E 169 34.52 -27.11 16.02
CA GLY E 169 33.62 -28.21 16.28
C GLY E 169 32.25 -27.87 16.84
N VAL E 170 31.88 -26.59 16.93
CA VAL E 170 30.57 -26.22 17.47
C VAL E 170 29.53 -26.29 16.37
N HIS E 171 28.34 -26.74 16.72
CA HIS E 171 27.20 -26.80 15.80
C HIS E 171 25.92 -26.64 16.60
N THR E 172 25.21 -25.55 16.33
CA THR E 172 23.91 -25.28 16.95
C THR E 172 22.82 -25.62 15.95
N PHE E 173 21.97 -26.58 16.31
CA PHE E 173 20.94 -27.02 15.38
C PHE E 173 19.77 -26.04 15.37
N PRO E 174 19.09 -25.90 14.23
CA PRO E 174 17.85 -25.12 14.22
C PRO E 174 16.81 -25.74 15.14
N ALA E 175 16.00 -24.88 15.74
CA ALA E 175 15.06 -25.31 16.76
C ALA E 175 13.83 -25.97 16.14
N VAL E 176 13.18 -26.82 16.92
CA VAL E 176 11.91 -27.42 16.56
C VAL E 176 10.79 -26.64 17.22
N LEU E 177 9.71 -26.42 16.47
CA LEU E 177 8.51 -25.77 17.00
C LEU E 177 7.53 -26.87 17.40
N GLN E 178 7.48 -27.16 18.70
CA GLN E 178 6.60 -28.21 19.18
C GLN E 178 5.14 -27.80 19.03
N SER E 179 4.26 -28.81 19.07
CA SER E 179 2.83 -28.55 18.95
C SER E 179 2.30 -27.68 20.09
N SER E 180 3.03 -27.59 21.20
CA SER E 180 2.65 -26.70 22.28
C SER E 180 2.89 -25.23 21.96
N GLY E 181 3.59 -24.93 20.86
CA GLY E 181 3.89 -23.57 20.49
C GLY E 181 5.24 -23.06 20.93
N LEU E 182 6.01 -23.86 21.67
CA LEU E 182 7.30 -23.46 22.19
C LEU E 182 8.42 -24.06 21.32
N TYR E 183 9.59 -23.43 21.39
CA TYR E 183 10.75 -23.85 20.63
C TYR E 183 11.70 -24.69 21.47
N SER E 184 12.52 -25.50 20.79
CA SER E 184 13.54 -26.30 21.44
C SER E 184 14.64 -26.59 20.43
N LEU E 185 15.89 -26.37 20.85
CA LEU E 185 17.06 -26.72 20.04
C LEU E 185 18.11 -27.39 20.91
N SER E 186 19.22 -27.77 20.29
CA SER E 186 20.37 -28.30 21.01
C SER E 186 21.65 -27.77 20.38
N SER E 187 22.70 -27.68 21.19
CA SER E 187 24.01 -27.26 20.70
C SER E 187 25.04 -28.31 21.08
N VAL E 188 25.85 -28.73 20.10
CA VAL E 188 26.81 -29.81 20.27
C VAL E 188 28.19 -29.36 19.83
N VAL E 189 29.19 -29.68 20.64
CA VAL E 189 30.59 -29.39 20.32
C VAL E 189 31.39 -30.69 20.37
N THR E 190 32.24 -30.88 19.36
CA THR E 190 33.11 -32.06 19.29
C THR E 190 34.51 -31.67 19.77
N VAL E 191 34.98 -32.35 20.81
CA VAL E 191 36.28 -32.03 21.40
C VAL E 191 37.07 -33.32 21.55
N PRO E 192 38.38 -33.22 21.77
CA PRO E 192 39.16 -34.43 22.12
C PRO E 192 38.72 -34.99 23.47
N SER E 193 38.51 -36.31 23.50
CA SER E 193 38.08 -36.97 24.73
C SER E 193 39.13 -36.82 25.83
N SER E 194 40.40 -36.71 25.44
CA SER E 194 41.47 -36.48 26.42
C SER E 194 41.18 -35.25 27.26
N SER E 195 40.65 -34.19 26.64
CA SER E 195 40.33 -32.97 27.36
C SER E 195 39.10 -33.08 28.24
N LEU E 196 38.44 -34.24 28.27
CA LEU E 196 37.38 -34.50 29.24
C LEU E 196 38.06 -34.97 30.52
N GLY E 197 38.07 -34.11 31.53
CA GLY E 197 38.79 -34.34 32.77
C GLY E 197 39.86 -33.32 33.05
N THR E 198 40.37 -32.64 32.03
CA THR E 198 41.30 -31.55 32.20
C THR E 198 40.66 -30.19 31.95
N GLN E 199 39.91 -30.06 30.86
CA GLN E 199 39.29 -28.81 30.45
C GLN E 199 37.78 -28.87 30.70
N THR E 200 37.25 -27.82 31.32
CA THR E 200 35.82 -27.73 31.63
C THR E 200 35.05 -27.08 30.49
N TYR E 201 33.88 -27.64 30.19
CA TYR E 201 33.06 -27.18 29.07
C TYR E 201 31.78 -26.54 29.60
N ILE E 202 31.67 -25.26 29.26
CA ILE E 202 30.74 -24.25 29.74
C ILE E 202 29.87 -23.93 28.54
N CYS E 203 28.54 -24.14 28.58
CA CYS E 203 27.70 -23.66 27.46
C CYS E 203 26.89 -22.44 27.88
N ASN E 204 26.96 -21.37 27.09
CA ASN E 204 26.29 -20.10 27.42
C ASN E 204 25.05 -19.91 26.54
N VAL E 205 23.85 -19.82 27.14
CA VAL E 205 22.59 -19.77 26.39
C VAL E 205 21.87 -18.45 26.74
N ASN E 206 21.62 -17.63 25.69
CA ASN E 206 21.06 -16.29 25.79
C ASN E 206 19.70 -16.22 25.13
N HIS E 207 18.74 -15.79 25.90
CA HIS E 207 17.42 -15.46 25.44
C HIS E 207 17.22 -13.94 25.57
N LYS E 208 17.33 -13.26 24.42
CA LYS E 208 17.14 -11.80 24.37
C LYS E 208 15.75 -11.37 24.80
N PRO E 209 14.66 -12.01 24.35
CA PRO E 209 13.33 -11.50 24.74
C PRO E 209 13.03 -11.61 26.22
N SER E 210 13.55 -12.63 26.90
CA SER E 210 13.25 -12.86 28.31
C SER E 210 14.33 -12.36 29.26
N ASN E 211 15.31 -11.60 28.76
CA ASN E 211 16.40 -11.10 29.61
C ASN E 211 17.07 -12.24 30.36
N THR E 212 17.27 -13.35 29.65
CA THR E 212 17.66 -14.59 30.31
C THR E 212 19.01 -15.05 29.81
N LYS E 213 19.96 -15.30 30.70
CA LYS E 213 21.06 -16.08 30.17
C LYS E 213 21.57 -17.04 31.23
N VAL E 214 21.83 -18.26 30.76
CA VAL E 214 22.17 -19.42 31.58
C VAL E 214 23.54 -19.94 31.17
N ASP E 215 24.38 -20.27 32.15
CA ASP E 215 25.66 -20.95 31.90
C ASP E 215 25.58 -22.36 32.46
N LYS E 216 25.67 -23.35 31.57
CA LYS E 216 25.49 -24.75 31.95
C LYS E 216 26.79 -25.51 31.81
N ARG E 217 27.20 -26.19 32.88
CA ARG E 217 28.38 -27.05 32.84
C ARG E 217 28.04 -28.41 32.25
N VAL E 218 28.87 -28.86 31.31
CA VAL E 218 28.72 -30.20 30.71
C VAL E 218 29.91 -31.04 31.15
N GLU E 219 29.62 -32.16 31.81
CA GLU E 219 30.64 -32.92 32.53
C GLU E 219 30.13 -34.35 32.66
N PRO E 220 30.94 -35.34 32.29
CA PRO E 220 30.47 -36.73 32.38
C PRO E 220 30.20 -37.12 33.84
N LYS E 221 29.23 -37.99 34.02
CA LYS E 221 28.82 -38.46 35.34
C LYS E 221 29.12 -39.95 35.46
N SER E 222 29.05 -40.45 36.69
CA SER E 222 29.25 -41.87 36.99
C SER E 222 30.56 -42.39 36.41
N SER F 2 -11.17 -40.13 1.53
CA SER F 2 -10.20 -40.23 0.45
C SER F 2 -8.84 -39.70 0.88
N ALA F 3 -7.79 -40.48 0.62
CA ALA F 3 -6.42 -40.11 0.98
C ALA F 3 -5.57 -40.02 -0.27
N LEU F 4 -4.91 -38.88 -0.45
CA LEU F 4 -3.99 -38.67 -1.56
C LEU F 4 -2.56 -38.82 -1.04
N THR F 5 -1.79 -39.71 -1.66
CA THR F 5 -0.47 -40.06 -1.18
C THR F 5 0.61 -39.71 -2.19
N GLN F 6 1.64 -39.01 -1.73
CA GLN F 6 2.82 -38.66 -2.51
C GLN F 6 4.05 -39.12 -1.76
N PRO F 7 5.09 -39.57 -2.48
CA PRO F 7 6.39 -39.80 -1.83
C PRO F 7 6.91 -38.52 -1.23
N PRO F 8 7.48 -38.58 -0.02
CA PRO F 8 7.95 -37.33 0.61
C PRO F 8 9.06 -36.62 -0.15
N SER F 9 9.89 -37.33 -0.91
CA SER F 9 10.99 -36.67 -1.60
C SER F 9 11.39 -37.48 -2.84
N VAL F 10 12.00 -36.78 -3.79
CA VAL F 10 12.50 -37.38 -5.03
C VAL F 10 13.72 -36.59 -5.49
N SER F 11 14.78 -37.30 -5.90
CA SER F 11 16.03 -36.68 -6.29
C SER F 11 16.43 -37.15 -7.68
N VAL F 12 16.81 -36.21 -8.55
CA VAL F 12 17.26 -36.52 -9.90
C VAL F 12 18.49 -35.68 -10.25
N ALA F 13 19.20 -36.11 -11.32
CA ALA F 13 20.35 -35.41 -11.88
C ALA F 13 19.91 -34.47 -12.99
N PRO F 14 20.62 -33.35 -13.18
CA PRO F 14 20.23 -32.40 -14.23
C PRO F 14 20.27 -33.02 -15.61
N GLY F 15 19.26 -32.68 -16.43
CA GLY F 15 19.13 -33.18 -17.77
C GLY F 15 18.29 -34.43 -17.93
N LYS F 16 18.06 -35.18 -16.85
CA LYS F 16 17.29 -36.40 -16.92
C LYS F 16 15.80 -36.07 -16.68
N THR F 17 14.99 -37.10 -16.47
CA THR F 17 13.54 -36.96 -16.33
C THR F 17 13.11 -37.36 -14.93
N ALA F 18 12.28 -36.52 -14.32
CA ALA F 18 11.74 -36.75 -12.99
C ALA F 18 10.25 -37.06 -13.08
N ARG F 19 9.82 -38.12 -12.40
CA ARG F 19 8.42 -38.51 -12.34
C ARG F 19 7.97 -38.52 -10.89
N ILE F 20 6.95 -37.72 -10.56
CA ILE F 20 6.37 -37.66 -9.23
C ILE F 20 4.97 -38.28 -9.29
N THR F 21 4.71 -39.24 -8.41
CA THR F 21 3.47 -40.01 -8.44
C THR F 21 2.56 -39.63 -7.29
N CYS F 22 1.26 -39.58 -7.58
CA CYS F 22 0.19 -39.28 -6.63
C CYS F 22 -0.79 -40.43 -6.67
N GLY F 23 -1.14 -40.97 -5.51
CA GLY F 23 -1.88 -42.22 -5.43
C GLY F 23 -3.22 -42.06 -4.74
N GLY F 24 -4.16 -42.90 -5.14
CA GLY F 24 -5.48 -42.90 -4.54
C GLY F 24 -6.32 -44.01 -5.13
N ASN F 25 -7.64 -43.84 -5.12
CA ASN F 25 -8.51 -44.96 -5.45
C ASN F 25 -8.95 -44.96 -6.91
N ASN F 26 -9.61 -43.90 -7.35
CA ASN F 26 -10.00 -43.81 -8.76
C ASN F 26 -9.54 -42.47 -9.32
N ILE F 27 -8.30 -42.10 -8.99
CA ILE F 27 -7.77 -40.79 -9.35
C ILE F 27 -7.63 -40.65 -10.86
N GLY F 28 -7.43 -41.75 -11.58
CA GLY F 28 -7.28 -41.68 -13.02
C GLY F 28 -8.53 -41.22 -13.73
N SER F 29 -9.67 -41.21 -13.05
CA SER F 29 -10.94 -40.76 -13.61
C SER F 29 -11.36 -39.38 -13.12
N LYS F 30 -10.62 -38.80 -12.17
CA LYS F 30 -10.96 -37.52 -11.58
C LYS F 30 -10.01 -36.43 -12.07
N SER F 31 -10.39 -35.18 -11.83
CA SER F 31 -9.59 -34.04 -12.27
C SER F 31 -8.46 -33.80 -11.27
N VAL F 32 -7.22 -33.90 -11.74
CA VAL F 32 -6.03 -33.73 -10.92
C VAL F 32 -5.13 -32.68 -11.53
N HIS F 33 -4.70 -31.72 -10.72
CA HIS F 33 -3.78 -30.68 -11.14
C HIS F 33 -2.49 -30.79 -10.34
N TRP F 34 -1.43 -30.16 -10.84
CA TRP F 34 -0.14 -30.17 -10.20
C TRP F 34 0.38 -28.75 -10.03
N TYR F 35 0.82 -28.43 -8.81
CA TYR F 35 1.38 -27.14 -8.44
C TYR F 35 2.85 -27.28 -8.05
N GLN F 36 3.62 -26.24 -8.34
CA GLN F 36 5.00 -26.11 -7.90
C GLN F 36 5.10 -24.99 -6.87
N GLN F 37 5.90 -25.21 -5.84
CA GLN F 37 6.13 -24.20 -4.80
C GLN F 37 7.61 -24.19 -4.47
N LYS F 38 8.30 -23.14 -4.89
CA LYS F 38 9.69 -22.95 -4.51
C LYS F 38 9.78 -22.44 -3.07
N ALA F 39 10.94 -22.64 -2.47
CA ALA F 39 11.14 -22.26 -1.08
C ALA F 39 10.95 -20.76 -0.90
N GLY F 40 10.04 -20.39 0.01
CA GLY F 40 9.76 -19.00 0.31
C GLY F 40 8.70 -18.34 -0.56
N GLN F 41 8.19 -19.03 -1.57
CA GLN F 41 7.25 -18.47 -2.51
C GLN F 41 5.86 -19.09 -2.34
N ALA F 42 4.88 -18.46 -2.98
CA ALA F 42 3.54 -19.01 -3.06
C ALA F 42 3.47 -20.09 -4.13
N PRO F 43 2.50 -21.01 -4.04
CA PRO F 43 2.38 -22.05 -5.06
C PRO F 43 2.00 -21.48 -6.42
N VAL F 44 2.40 -22.21 -7.45
CA VAL F 44 2.10 -21.86 -8.84
C VAL F 44 1.62 -23.11 -9.55
N VAL F 45 0.55 -22.99 -10.34
CA VAL F 45 0.06 -24.11 -11.12
C VAL F 45 1.02 -24.40 -12.25
N VAL F 46 1.48 -25.66 -12.34
CA VAL F 46 2.30 -26.08 -13.46
C VAL F 46 1.55 -26.97 -14.43
N ILE F 47 0.58 -27.76 -13.98
CA ILE F 47 -0.22 -28.57 -14.90
C ILE F 47 -1.68 -28.55 -14.45
N TYR F 48 -2.58 -28.32 -15.40
CA TYR F 48 -4.00 -28.54 -15.18
C TYR F 48 -4.31 -29.99 -15.48
N TYR F 49 -5.59 -30.32 -15.59
CA TYR F 49 -6.04 -31.67 -15.91
C TYR F 49 -5.65 -31.90 -17.37
N PRO F 50 -6.09 -32.99 -18.02
CA PRO F 50 -5.20 -33.79 -18.86
C PRO F 50 -3.72 -33.44 -18.78
N SER F 51 -3.24 -32.70 -19.78
CA SER F 51 -1.87 -32.19 -19.81
C SER F 51 -1.83 -30.77 -20.35
N ASP F 52 -2.89 -30.01 -20.10
CA ASP F 52 -2.95 -28.64 -20.57
C ASP F 52 -1.99 -27.79 -19.75
N ARG F 53 -1.19 -26.98 -20.42
CA ARG F 53 -0.23 -26.21 -19.62
C ARG F 53 -0.68 -24.77 -19.46
N PRO F 54 -0.47 -24.19 -18.28
CA PRO F 54 -0.74 -22.76 -18.11
C PRO F 54 0.19 -21.92 -18.97
N SER F 55 -0.25 -20.71 -19.27
CA SER F 55 0.52 -19.80 -20.11
C SER F 55 1.87 -19.49 -19.48
N GLY F 56 2.95 -19.84 -20.18
CA GLY F 56 4.30 -19.61 -19.69
C GLY F 56 5.02 -20.83 -19.16
N ILE F 57 4.34 -21.94 -19.00
CA ILE F 57 4.97 -23.15 -18.46
C ILE F 57 5.66 -23.90 -19.60
N PRO F 58 6.92 -24.29 -19.43
CA PRO F 58 7.64 -24.98 -20.50
C PRO F 58 7.01 -26.32 -20.85
N GLU F 59 7.22 -26.75 -22.09
CA GLU F 59 6.66 -28.00 -22.59
C GLU F 59 7.26 -29.24 -21.93
N ARG F 60 8.33 -29.11 -21.16
CA ARG F 60 8.91 -30.26 -20.49
C ARG F 60 8.06 -30.76 -19.32
N PHE F 61 7.03 -30.02 -18.93
CA PHE F 61 6.09 -30.46 -17.90
C PHE F 61 4.89 -31.14 -18.53
N SER F 62 4.54 -32.32 -18.03
CA SER F 62 3.41 -33.07 -18.60
C SER F 62 2.76 -33.90 -17.50
N GLY F 63 1.52 -34.29 -17.75
CA GLY F 63 0.78 -35.11 -16.81
C GLY F 63 0.20 -36.35 -17.47
N SER F 64 0.24 -37.46 -16.73
CA SER F 64 -0.31 -38.72 -17.20
C SER F 64 -1.09 -39.37 -16.06
N ASN F 65 -1.96 -40.32 -16.42
CA ASN F 65 -2.85 -40.92 -15.44
C ASN F 65 -3.05 -42.41 -15.71
N SER F 66 -3.29 -43.15 -14.63
CA SER F 66 -3.70 -44.54 -14.65
C SER F 66 -4.80 -44.68 -13.61
N GLU F 67 -5.48 -45.84 -13.63
CA GLU F 67 -6.68 -46.02 -12.81
C GLU F 67 -6.47 -45.59 -11.37
N ASN F 68 -5.29 -45.86 -10.81
CA ASN F 68 -5.02 -45.59 -9.41
C ASN F 68 -3.84 -44.63 -9.22
N THR F 69 -3.57 -43.78 -10.20
CA THR F 69 -2.31 -43.04 -10.16
C THR F 69 -2.35 -41.82 -11.07
N ALA F 70 -1.75 -40.72 -10.61
CA ALA F 70 -1.51 -39.55 -11.44
C ALA F 70 -0.03 -39.20 -11.36
N THR F 71 0.62 -39.01 -12.50
CA THR F 71 2.06 -38.81 -12.55
C THR F 71 2.40 -37.49 -13.25
N LEU F 72 3.22 -36.68 -12.59
CA LEU F 72 3.79 -35.47 -13.17
C LEU F 72 5.19 -35.78 -13.67
N THR F 73 5.47 -35.40 -14.93
CA THR F 73 6.73 -35.71 -15.58
C THR F 73 7.41 -34.44 -16.03
N ILE F 74 8.67 -34.27 -15.60
CA ILE F 74 9.51 -33.14 -16.02
C ILE F 74 10.72 -33.73 -16.72
N SER F 75 10.82 -33.49 -18.03
CA SER F 75 11.92 -34.00 -18.83
C SER F 75 13.00 -32.94 -18.97
N GLY F 76 14.27 -33.38 -18.91
CA GLY F 76 15.38 -32.45 -18.96
C GLY F 76 15.35 -31.48 -17.81
N VAL F 77 15.49 -32.01 -16.59
CA VAL F 77 15.32 -31.21 -15.38
C VAL F 77 16.44 -30.18 -15.28
N GLU F 78 16.08 -28.93 -15.00
CA GLU F 78 17.04 -27.88 -14.73
C GLU F 78 17.18 -27.69 -13.22
N ALA F 79 18.20 -26.91 -12.84
CA ALA F 79 18.44 -26.63 -11.42
C ALA F 79 17.27 -25.88 -10.80
N GLY F 80 16.69 -24.94 -11.53
CA GLY F 80 15.61 -24.12 -11.00
C GLY F 80 14.32 -24.86 -10.74
N ASP F 81 14.23 -26.13 -11.13
CA ASP F 81 13.04 -26.94 -10.89
C ASP F 81 13.00 -27.54 -9.50
N GLU F 82 14.02 -27.33 -8.67
CA GLU F 82 14.01 -27.85 -7.31
C GLU F 82 12.95 -27.13 -6.50
N ALA F 83 11.94 -27.88 -6.03
CA ALA F 83 10.82 -27.26 -5.34
C ALA F 83 9.93 -28.37 -4.78
N ASP F 84 8.88 -27.95 -4.06
CA ASP F 84 7.87 -28.89 -3.59
C ASP F 84 6.72 -28.95 -4.60
N TYR F 85 6.35 -30.17 -5.00
CA TYR F 85 5.30 -30.39 -5.98
C TYR F 85 4.11 -31.04 -5.30
N TYR F 86 2.91 -30.53 -5.61
CA TYR F 86 1.67 -30.99 -5.01
C TYR F 86 0.68 -31.42 -6.07
N CYS F 87 0.01 -32.55 -5.84
CA CYS F 87 -1.14 -32.97 -6.63
C CYS F 87 -2.41 -32.53 -5.91
N GLN F 88 -3.40 -32.09 -6.67
CA GLN F 88 -4.66 -31.60 -6.11
C GLN F 88 -5.83 -32.23 -6.84
N LEU F 89 -6.81 -32.69 -6.07
CA LEU F 89 -8.02 -33.34 -6.57
C LEU F 89 -9.19 -32.37 -6.50
N TRP F 90 -10.14 -32.55 -7.42
CA TRP F 90 -11.36 -31.75 -7.41
C TRP F 90 -12.48 -32.41 -6.60
N ASP F 91 -12.69 -33.72 -6.78
CA ASP F 91 -13.67 -34.49 -6.00
C ASP F 91 -15.08 -33.89 -6.16
N THR F 92 -15.60 -34.04 -7.38
CA THR F 92 -16.94 -33.54 -7.70
C THR F 92 -18.04 -34.19 -6.85
N ASN F 93 -17.75 -35.28 -6.15
CA ASN F 93 -18.75 -35.91 -5.29
C ASN F 93 -19.17 -34.98 -4.16
N SER F 94 -18.21 -34.43 -3.42
CA SER F 94 -18.49 -33.62 -2.24
C SER F 94 -18.16 -32.14 -2.43
N ASP F 95 -17.69 -31.74 -3.61
CA ASP F 95 -17.19 -30.38 -3.86
C ASP F 95 -16.09 -30.05 -2.86
N HIS F 96 -15.12 -30.95 -2.75
CA HIS F 96 -14.02 -30.84 -1.81
C HIS F 96 -12.72 -30.81 -2.59
N TRP F 97 -12.07 -29.65 -2.66
CA TRP F 97 -10.72 -29.58 -3.18
C TRP F 97 -9.79 -30.34 -2.23
N VAL F 98 -9.07 -31.33 -2.74
CA VAL F 98 -8.23 -32.18 -1.91
C VAL F 98 -6.78 -32.02 -2.34
N PHE F 99 -5.88 -31.98 -1.36
N PHE F 99 -5.89 -32.13 -1.35
CA PHE F 99 -4.47 -31.67 -1.60
CA PHE F 99 -4.50 -31.72 -1.43
C PHE F 99 -3.60 -32.83 -1.15
C PHE F 99 -3.61 -32.91 -1.13
N GLY F 100 -2.56 -33.10 -1.94
CA GLY F 100 -1.63 -34.18 -1.67
C GLY F 100 -0.67 -33.83 -0.54
N GLY F 101 0.13 -34.83 -0.17
CA GLY F 101 1.09 -34.62 0.91
C GLY F 101 2.26 -33.75 0.53
N GLY F 102 2.59 -33.71 -0.74
CA GLY F 102 3.73 -32.93 -1.23
C GLY F 102 4.97 -33.78 -1.44
N THR F 103 5.76 -33.42 -2.44
CA THR F 103 7.01 -34.11 -2.72
C THR F 103 8.10 -33.09 -2.98
N LYS F 104 9.22 -33.19 -2.25
CA LYS F 104 10.35 -32.28 -2.46
C LYS F 104 11.21 -32.84 -3.58
N LEU F 105 11.19 -32.18 -4.74
CA LEU F 105 12.05 -32.53 -5.85
C LEU F 105 13.36 -31.76 -5.70
N THR F 106 14.44 -32.50 -5.49
CA THR F 106 15.79 -31.97 -5.33
C THR F 106 16.60 -32.32 -6.56
N VAL F 107 17.21 -31.30 -7.18
CA VAL F 107 18.08 -31.50 -8.32
C VAL F 107 19.51 -31.57 -7.81
N LEU F 108 20.15 -32.74 -8.00
CA LEU F 108 21.49 -32.98 -7.50
C LEU F 108 22.51 -32.06 -8.16
N GLY F 109 23.09 -31.13 -7.39
CA GLY F 109 24.13 -30.26 -7.90
C GLY F 109 25.49 -30.63 -7.33
N GLN F 110 25.48 -31.10 -6.09
CA GLN F 110 26.65 -31.62 -5.39
C GLN F 110 26.54 -33.14 -5.28
N PRO F 111 27.58 -33.83 -4.78
CA PRO F 111 27.45 -35.28 -4.57
C PRO F 111 26.48 -35.64 -3.46
N LYS F 112 26.31 -36.94 -3.20
CA LYS F 112 25.42 -37.42 -2.17
C LYS F 112 26.20 -37.66 -0.88
N ALA F 113 25.52 -37.54 0.26
CA ALA F 113 26.15 -37.67 1.56
C ALA F 113 25.19 -38.34 2.54
N ALA F 114 25.60 -39.47 3.10
CA ALA F 114 24.83 -40.13 4.13
C ALA F 114 24.87 -39.29 5.42
N PRO F 115 23.87 -39.43 6.28
CA PRO F 115 23.82 -38.62 7.49
C PRO F 115 24.62 -39.17 8.66
N SER F 116 25.12 -38.25 9.48
CA SER F 116 25.79 -38.56 10.73
C SER F 116 24.81 -38.32 11.88
N VAL F 117 24.67 -39.32 12.76
CA VAL F 117 23.62 -39.34 13.78
C VAL F 117 24.26 -39.42 15.15
N THR F 118 23.84 -38.53 16.05
CA THR F 118 24.24 -38.57 17.46
C THR F 118 22.99 -38.64 18.32
N LEU F 119 22.93 -39.63 19.21
CA LEU F 119 21.75 -39.86 20.04
C LEU F 119 22.11 -39.64 21.50
N PHE F 120 21.38 -38.71 22.13
CA PHE F 120 21.60 -38.32 23.51
C PHE F 120 20.45 -38.79 24.38
N PRO F 121 20.74 -39.53 25.45
CA PRO F 121 19.71 -39.91 26.42
C PRO F 121 19.38 -38.74 27.33
N PRO F 122 18.32 -38.85 28.15
CA PRO F 122 17.98 -37.75 29.05
C PRO F 122 19.08 -37.52 30.08
N SER F 123 19.26 -36.26 30.46
CA SER F 123 20.21 -35.92 31.51
C SER F 123 19.67 -36.33 32.87
N SER F 124 20.59 -36.57 33.81
CA SER F 124 20.18 -36.92 35.16
C SER F 124 19.39 -35.79 35.81
N GLU F 125 19.80 -34.55 35.55
CA GLU F 125 19.08 -33.40 36.09
C GLU F 125 17.65 -33.35 35.53
N GLU F 126 17.47 -33.69 34.26
CA GLU F 126 16.14 -33.68 33.67
C GLU F 126 15.26 -34.77 34.29
N LEU F 127 15.83 -35.94 34.54
CA LEU F 127 15.08 -37.00 35.19
C LEU F 127 14.72 -36.61 36.63
N GLN F 128 15.63 -35.93 37.32
CA GLN F 128 15.32 -35.43 38.66
C GLN F 128 14.16 -34.45 38.62
N ALA F 129 14.01 -33.75 37.50
CA ALA F 129 12.95 -32.78 37.33
C ALA F 129 11.64 -33.40 36.83
N ASN F 130 11.60 -34.73 36.68
CA ASN F 130 10.40 -35.48 36.24
C ASN F 130 10.06 -35.21 34.78
N LYS F 131 11.09 -35.08 33.94
CA LYS F 131 10.95 -35.03 32.49
C LYS F 131 11.97 -35.96 31.86
N ALA F 132 11.75 -36.31 30.60
CA ALA F 132 12.76 -37.07 29.86
C ALA F 132 12.67 -36.71 28.38
N THR F 133 13.83 -36.44 27.77
CA THR F 133 13.90 -36.11 26.35
C THR F 133 15.05 -36.87 25.71
N LEU F 134 14.77 -37.50 24.58
CA LEU F 134 15.77 -38.19 23.77
C LEU F 134 16.07 -37.32 22.54
N VAL F 135 17.34 -37.05 22.30
CA VAL F 135 17.75 -36.10 21.26
C VAL F 135 18.48 -36.84 20.16
N CYS F 136 17.91 -36.86 18.96
CA CYS F 136 18.55 -37.46 17.78
C CYS F 136 18.95 -36.31 16.87
N LEU F 137 20.26 -36.11 16.70
CA LEU F 137 20.79 -35.00 15.92
C LEU F 137 21.42 -35.56 14.64
N ILE F 138 20.95 -35.09 13.50
CA ILE F 138 21.32 -35.60 12.19
C ILE F 138 21.99 -34.48 11.41
N SER F 139 23.20 -34.74 10.92
CA SER F 139 23.99 -33.68 10.30
C SER F 139 24.74 -34.21 9.07
N ASP F 140 25.08 -33.27 8.19
CA ASP F 140 26.00 -33.51 7.08
C ASP F 140 25.45 -34.51 6.08
N PHE F 141 24.21 -34.29 5.66
CA PHE F 141 23.59 -35.16 4.65
C PHE F 141 23.05 -34.33 3.49
N TYR F 142 23.02 -34.97 2.32
CA TYR F 142 22.44 -34.41 1.10
C TYR F 142 22.03 -35.57 0.23
N PRO F 143 20.83 -35.54 -0.41
CA PRO F 143 19.83 -34.47 -0.43
C PRO F 143 19.17 -34.21 0.92
N GLY F 144 18.63 -33.00 1.10
CA GLY F 144 18.05 -32.61 2.37
C GLY F 144 16.67 -33.19 2.60
N ALA F 145 16.60 -34.50 2.82
CA ALA F 145 15.34 -35.18 3.07
C ALA F 145 15.64 -36.50 3.75
N VAL F 146 15.21 -36.65 5.00
CA VAL F 146 15.37 -37.88 5.75
C VAL F 146 14.05 -38.20 6.45
N THR F 147 13.88 -39.46 6.82
CA THR F 147 12.73 -39.88 7.60
C THR F 147 13.21 -40.54 8.89
N VAL F 148 12.61 -40.15 10.01
CA VAL F 148 13.05 -40.58 11.34
C VAL F 148 11.98 -41.47 11.95
N ALA F 149 12.38 -42.66 12.36
CA ALA F 149 11.50 -43.61 13.05
C ALA F 149 12.06 -43.89 14.43
N TRP F 150 11.23 -43.73 15.45
CA TRP F 150 11.64 -43.98 16.82
C TRP F 150 11.12 -45.34 17.27
N LYS F 151 11.97 -46.10 17.95
CA LYS F 151 11.62 -47.44 18.44
C LYS F 151 11.81 -47.47 19.95
N ALA F 152 10.72 -47.65 20.68
CA ALA F 152 10.82 -47.99 22.09
C ALA F 152 11.04 -49.48 22.17
N ASP F 153 12.15 -49.89 22.79
CA ASP F 153 12.57 -51.28 22.78
C ASP F 153 12.81 -51.72 21.34
N SER F 154 11.84 -52.45 20.76
CA SER F 154 11.84 -52.72 19.34
C SER F 154 10.53 -52.37 18.65
N SER F 155 9.50 -51.99 19.43
CA SER F 155 8.19 -51.58 18.94
C SER F 155 8.22 -50.11 18.49
N PRO F 156 7.51 -49.78 17.41
CA PRO F 156 7.48 -48.38 16.95
C PRO F 156 6.82 -47.47 17.98
N VAL F 157 7.26 -46.21 18.00
CA VAL F 157 6.68 -45.16 18.83
C VAL F 157 6.24 -44.02 17.93
N LYS F 158 4.99 -43.61 18.08
CA LYS F 158 4.43 -42.48 17.33
C LYS F 158 4.27 -41.22 18.17
N ALA F 159 3.78 -41.36 19.40
CA ALA F 159 3.55 -40.20 20.25
C ALA F 159 4.84 -39.74 20.90
N GLY F 160 4.94 -38.42 21.09
CA GLY F 160 6.10 -37.81 21.69
C GLY F 160 7.19 -37.43 20.72
N VAL F 161 7.00 -37.72 19.43
CA VAL F 161 8.02 -37.46 18.41
C VAL F 161 7.78 -36.08 17.82
N GLU F 162 8.80 -35.23 17.84
CA GLU F 162 8.77 -33.92 17.19
C GLU F 162 10.02 -33.81 16.32
N THR F 163 9.83 -33.77 15.00
CA THR F 163 10.94 -33.74 14.05
C THR F 163 10.93 -32.43 13.27
N THR F 164 12.12 -31.85 13.09
CA THR F 164 12.27 -30.60 12.37
C THR F 164 12.36 -30.85 10.86
N THR F 165 12.11 -29.78 10.10
CA THR F 165 12.35 -29.77 8.66
C THR F 165 13.85 -29.64 8.39
N PRO F 166 14.39 -30.37 7.42
CA PRO F 166 15.81 -30.20 7.09
C PRO F 166 16.10 -28.78 6.63
N SER F 167 17.27 -28.27 7.06
CA SER F 167 17.68 -26.92 6.74
C SER F 167 19.15 -26.93 6.33
N LYS F 168 19.53 -25.92 5.54
CA LYS F 168 20.87 -25.86 4.97
C LYS F 168 21.89 -25.42 6.01
N GLN F 169 23.03 -26.11 6.06
CA GLN F 169 24.15 -25.72 6.90
C GLN F 169 25.02 -24.72 6.15
N SER F 170 26.09 -24.27 6.83
CA SER F 170 27.02 -23.34 6.18
C SER F 170 27.80 -24.01 5.07
N ASN F 171 28.08 -25.31 5.20
CA ASN F 171 28.79 -26.06 4.17
C ASN F 171 27.86 -26.60 3.08
N ASN F 172 26.66 -26.03 2.95
CA ASN F 172 25.70 -26.33 1.88
C ASN F 172 25.16 -27.75 1.95
N LYS F 173 25.31 -28.43 3.08
CA LYS F 173 24.60 -29.67 3.35
C LYS F 173 23.49 -29.37 4.35
N TYR F 174 22.71 -30.39 4.70
CA TYR F 174 21.49 -30.19 5.47
C TYR F 174 21.59 -30.89 6.82
N ALA F 175 20.83 -30.36 7.79
CA ALA F 175 20.80 -30.90 9.14
C ALA F 175 19.38 -30.90 9.67
N ALA F 176 19.12 -31.76 10.65
CA ALA F 176 17.80 -31.88 11.25
C ALA F 176 17.94 -32.49 12.64
N SER F 177 16.86 -32.40 13.42
CA SER F 177 16.83 -32.99 14.75
C SER F 177 15.47 -33.61 15.00
N SER F 178 15.46 -34.59 15.90
CA SER F 178 14.23 -35.26 16.30
C SER F 178 14.26 -35.44 17.81
N TYR F 179 13.20 -34.99 18.47
CA TYR F 179 13.11 -35.06 19.93
C TYR F 179 11.98 -36.00 20.31
N LEU F 180 12.28 -36.94 21.20
CA LEU F 180 11.28 -37.84 21.76
C LEU F 180 11.09 -37.47 23.22
N SER F 181 9.96 -36.83 23.52
CA SER F 181 9.62 -36.47 24.89
C SER F 181 8.84 -37.60 25.53
N LEU F 182 9.17 -37.89 26.80
CA LEU F 182 8.56 -39.00 27.51
C LEU F 182 8.89 -38.87 29.00
N THR F 183 7.98 -39.39 29.82
CA THR F 183 8.15 -39.33 31.26
C THR F 183 9.23 -40.31 31.72
N PRO F 184 9.86 -40.03 32.88
CA PRO F 184 10.92 -40.93 33.36
C PRO F 184 10.46 -42.37 33.60
N GLU F 185 9.17 -42.58 33.91
CA GLU F 185 8.70 -43.92 34.23
C GLU F 185 8.81 -44.85 33.01
N GLN F 186 8.31 -44.40 31.86
CA GLN F 186 8.44 -45.21 30.66
C GLN F 186 9.89 -45.27 30.18
N TRP F 187 10.68 -44.22 30.45
CA TRP F 187 12.09 -44.24 30.09
C TRP F 187 12.82 -45.37 30.81
N LYS F 188 12.56 -45.54 32.11
CA LYS F 188 13.20 -46.59 32.88
C LYS F 188 12.57 -47.96 32.65
N SER F 189 11.36 -48.01 32.09
CA SER F 189 10.62 -49.27 31.95
C SER F 189 10.99 -50.06 30.71
N HIS F 190 11.84 -49.55 29.82
CA HIS F 190 12.18 -50.22 28.58
C HIS F 190 13.66 -50.56 28.55
N ARG F 191 14.00 -51.66 27.86
CA ARG F 191 15.39 -52.10 27.83
C ARG F 191 16.27 -51.12 27.05
N SER F 192 15.75 -50.49 26.01
CA SER F 192 16.54 -49.56 25.20
C SER F 192 15.61 -48.73 24.34
N TYR F 193 16.15 -47.63 23.81
CA TYR F 193 15.45 -46.81 22.82
C TYR F 193 16.35 -46.62 21.61
N SER F 194 15.72 -46.54 20.44
CA SER F 194 16.45 -46.47 19.17
C SER F 194 15.91 -45.36 18.28
N CYS F 195 16.82 -44.72 17.55
CA CYS F 195 16.50 -43.71 16.55
C CYS F 195 16.99 -44.20 15.20
N GLN F 196 16.08 -44.34 14.25
CA GLN F 196 16.37 -44.77 12.88
C GLN F 196 16.27 -43.55 11.97
N VAL F 197 17.35 -43.25 11.25
CA VAL F 197 17.36 -42.19 10.25
C VAL F 197 17.54 -42.85 8.89
N THR F 198 16.56 -42.66 8.01
CA THR F 198 16.59 -43.21 6.67
C THR F 198 16.84 -42.08 5.67
N HIS F 199 17.85 -42.27 4.83
CA HIS F 199 18.24 -41.31 3.80
C HIS F 199 18.64 -42.07 2.54
N GLU F 200 17.99 -41.75 1.43
CA GLU F 200 18.30 -42.33 0.12
C GLU F 200 18.38 -43.86 0.18
N GLY F 201 17.43 -44.47 0.87
CA GLY F 201 17.33 -45.91 0.92
C GLY F 201 18.29 -46.59 1.88
N SER F 202 19.14 -45.83 2.58
CA SER F 202 20.07 -46.40 3.55
C SER F 202 19.72 -45.89 4.94
N THR F 203 19.83 -46.76 5.93
CA THR F 203 19.37 -46.46 7.28
C THR F 203 20.53 -46.49 8.26
N VAL F 204 20.49 -45.58 9.23
CA VAL F 204 21.45 -45.55 10.33
C VAL F 204 20.67 -45.56 11.64
N GLU F 205 21.01 -46.49 12.53
CA GLU F 205 20.29 -46.66 13.78
C GLU F 205 21.23 -46.41 14.95
N LYS F 206 20.74 -45.67 15.95
CA LYS F 206 21.50 -45.47 17.18
C LYS F 206 20.64 -45.84 18.36
N THR F 207 21.25 -46.45 19.39
CA THR F 207 20.52 -46.98 20.53
C THR F 207 21.13 -46.46 21.83
N VAL F 208 20.26 -46.13 22.79
CA VAL F 208 20.66 -45.68 24.12
C VAL F 208 19.86 -46.46 25.17
N ALA F 209 20.41 -46.51 26.38
CA ALA F 209 19.87 -47.31 27.46
C ALA F 209 19.74 -46.49 28.73
N PRO F 210 18.76 -46.83 29.58
CA PRO F 210 18.52 -46.03 30.80
C PRO F 210 19.66 -46.04 31.81
N THR F 211 20.49 -47.09 31.83
CA THR F 211 21.50 -47.26 32.87
C THR F 211 22.37 -46.03 33.13
C1 NAG G . -16.09 -18.60 -43.12
C2 NAG G . -16.04 -17.10 -42.81
C3 NAG G . -17.10 -16.35 -43.62
C4 NAG G . -16.97 -16.67 -45.10
C5 NAG G . -16.99 -18.19 -45.32
C6 NAG G . -16.74 -18.60 -46.75
C7 NAG G . -15.59 -15.86 -40.74
C8 NAG G . -15.88 -15.74 -39.27
N2 NAG G . -16.21 -16.85 -41.39
O3 NAG G . -16.97 -14.95 -43.41
O4 NAG G . -18.06 -16.09 -45.80
O5 NAG G . -15.95 -18.81 -44.53
O6 NAG G . -15.35 -18.63 -47.05
O7 NAG G . -14.80 -15.11 -41.30
C1 NAG G . -17.61 -15.25 -46.89
C2 NAG G . -18.73 -15.22 -47.93
C3 NAG G . -18.32 -14.34 -49.12
C4 NAG G . -17.91 -12.96 -48.62
C5 NAG G . -16.85 -13.06 -47.53
C6 NAG G . -16.50 -11.73 -46.91
C7 NAG G . -20.21 -17.17 -48.04
C8 NAG G . -20.40 -18.56 -48.58
N2 NAG G . -19.07 -16.56 -48.38
O3 NAG G . -19.41 -14.23 -50.02
O4 NAG G . -17.39 -12.19 -49.71
O5 NAG G . -17.30 -13.91 -46.47
O6 NAG G . -15.89 -11.90 -45.64
O7 NAG G . -21.05 -16.63 -47.32
C1 NAG H . 23.84 4.15 -26.79
C2 NAG H . 23.70 5.28 -27.81
C3 NAG H . 23.72 4.70 -29.23
C4 NAG H . 24.97 3.86 -29.44
C5 NAG H . 25.06 2.79 -28.36
C6 NAG H . 26.33 1.97 -28.44
C7 NAG H . 22.37 7.34 -27.85
C8 NAG H . 21.04 7.96 -27.57
N2 NAG H . 22.47 6.03 -27.59
O3 NAG H . 23.70 5.77 -30.18
O4 NAG H . 24.92 3.23 -30.72
O5 NAG H . 25.04 3.40 -27.06
O6 NAG H . 27.46 2.71 -27.99
O7 NAG H . 23.30 7.99 -28.29
#